data_6OEZ
#
_entry.id   6OEZ
#
_cell.length_a   117.526
_cell.length_b   117.526
_cell.length_c   224.522
_cell.angle_alpha   90.00
_cell.angle_beta   90.00
_cell.angle_gamma   90.00
#
_symmetry.space_group_name_H-M   'P 43 21 2'
#
loop_
_entity.id
_entity.type
_entity.pdbx_description
1 polymer 'Trypanothione reductase'
2 non-polymer 'FLAVIN-ADENINE DINUCLEOTIDE'
3 non-polymer '4-(2-HYDROXYETHYL)-1-PIPERAZINE ETHANESULFONIC ACID'
4 non-polymer N-(cyclobutylmethyl)-3-{5-[1-(pyrrolidin-1-yl)cyclohexyl]-2-(1-{[(2S)-pyrrolidin-2-yl]methyl}-1H-indol-5-yl)-1,3-thiazol-4-yl}prop-2-yn-1-amine
5 water water
#
_entity_poly.entity_id   1
_entity_poly.type   'polypeptide(L)'
_entity_poly.pdbx_seq_one_letter_code
;GSHMSKAFDLVVIGAGSGGLEAGWNAATLYGKRVAVVDVQTSHGPPFYAALGGTCVNVGCVPKKLMVTGAQYMDHLRESA
GFGWEFDGSSVKANWKKLIAAKNEAVLDINKSYEGMFNDTEGLDFFLGWGSLESKNVVVVRETADPKSAVKERLQADHIL
LATGSWPQMPAIPGIEHCISSNEAFYLPEPPRRVLTVGGGFISVEFAGIFNAYKPPGGKVTLCYRNNLILRGFDETIREE
VTKQLTANGIEIMTNENPAKVSLNTDGSKHVTFESGKTLDVDVVMMAIGRIPRTNDLQLGNVGVKLTPKGGVQVDEFSRT
NVPNIYAIGDITDRLMLTPVAINEGAALVDTVFGNKPRKTDHTRVASAVFSIPPIGTCGLIEEVAAKEFEKVAVYMSSFT
PLMHNISGSKYKKFVAKIVTNHSDGTVLGVHLLGDGAPEIIQAVGVCLRLNAKISDFYNTIGVHPTSAEELCSMRTPSYY
YVKGEKMEKLPDSNL
;
_entity_poly.pdbx_strand_id   B,A
#
# COMPACT_ATOMS: atom_id res chain seq x y z
N LYS A 6 36.99 -19.98 -24.64
CA LYS A 6 36.05 -19.87 -23.53
C LYS A 6 36.75 -19.43 -22.25
N ALA A 7 37.32 -18.23 -22.30
CA ALA A 7 37.99 -17.61 -21.15
C ALA A 7 37.11 -16.47 -20.66
N PHE A 8 36.38 -16.69 -19.58
CA PHE A 8 35.42 -15.74 -19.06
C PHE A 8 35.99 -14.98 -17.87
N ASP A 9 35.55 -13.72 -17.74
CA ASP A 9 35.82 -12.98 -16.51
C ASP A 9 35.03 -13.56 -15.36
N LEU A 10 33.79 -13.98 -15.61
CA LEU A 10 32.89 -14.44 -14.57
C LEU A 10 32.05 -15.58 -15.13
N VAL A 11 31.97 -16.68 -14.36
CA VAL A 11 31.05 -17.76 -14.65
C VAL A 11 30.11 -17.89 -13.46
N VAL A 12 28.81 -17.81 -13.74
CA VAL A 12 27.78 -17.88 -12.72
C VAL A 12 27.11 -19.24 -12.82
N ILE A 13 27.16 -20.02 -11.75
CA ILE A 13 26.42 -21.26 -11.65
C ILE A 13 25.09 -20.94 -10.96
N GLY A 14 24.02 -20.88 -11.73
CA GLY A 14 22.70 -20.58 -11.21
C GLY A 14 22.14 -19.28 -11.75
N ALA A 15 21.24 -19.39 -12.72
CA ALA A 15 20.67 -18.22 -13.39
C ALA A 15 19.46 -17.67 -12.64
N GLY A 16 19.64 -17.38 -11.35
CA GLY A 16 18.55 -16.97 -10.50
C GLY A 16 18.59 -15.51 -10.14
N SER A 17 17.87 -15.16 -9.07
CA SER A 17 17.74 -13.77 -8.67
C SER A 17 19.10 -13.11 -8.50
N GLY A 18 19.99 -13.74 -7.74
CA GLY A 18 21.30 -13.17 -7.48
C GLY A 18 22.28 -13.38 -8.63
N GLY A 19 22.23 -14.56 -9.23
CA GLY A 19 23.12 -14.84 -10.36
C GLY A 19 22.88 -13.94 -11.54
N LEU A 20 21.60 -13.71 -11.87
CA LEU A 20 21.27 -12.90 -13.05
C LEU A 20 21.67 -11.44 -12.86
N GLU A 21 21.46 -10.90 -11.66
CA GLU A 21 21.86 -9.52 -11.40
C GLU A 21 23.37 -9.36 -11.55
N ALA A 22 24.15 -10.31 -11.04
CA ALA A 22 25.60 -10.19 -11.11
C ALA A 22 26.09 -10.33 -12.55
N GLY A 23 25.54 -11.27 -13.30
CA GLY A 23 25.97 -11.44 -14.68
C GLY A 23 25.60 -10.27 -15.56
N TRP A 24 24.41 -9.70 -15.35
CA TRP A 24 23.97 -8.56 -16.15
C TRP A 24 24.79 -7.32 -15.83
N ASN A 25 25.04 -7.07 -14.55
CA ASN A 25 25.83 -5.91 -14.16
C ASN A 25 27.25 -6.00 -14.71
N ALA A 26 27.89 -7.16 -14.54
CA ALA A 26 29.27 -7.32 -14.99
C ALA A 26 29.39 -7.13 -16.48
N ALA A 27 28.39 -7.57 -17.24
CA ALA A 27 28.47 -7.51 -18.70
C ALA A 27 28.13 -6.12 -19.22
N THR A 28 27.05 -5.53 -18.72
CA THR A 28 26.54 -4.28 -19.28
C THR A 28 27.16 -3.05 -18.65
N LEU A 29 27.62 -3.13 -17.39
CA LEU A 29 28.20 -1.98 -16.72
C LEU A 29 29.71 -1.95 -16.80
N TYR A 30 30.38 -3.10 -16.84
CA TYR A 30 31.83 -3.16 -16.88
C TYR A 30 32.36 -3.93 -18.09
N GLY A 31 31.51 -4.21 -19.07
CA GLY A 31 31.95 -4.82 -20.31
C GLY A 31 32.73 -6.11 -20.13
N LYS A 32 32.38 -6.89 -19.11
CA LYS A 32 33.06 -8.15 -18.86
C LYS A 32 32.35 -9.28 -19.60
N ARG A 33 33.11 -10.34 -19.88
CA ARG A 33 32.57 -11.51 -20.56
C ARG A 33 32.06 -12.49 -19.50
N VAL A 34 30.77 -12.81 -19.58
CA VAL A 34 30.09 -13.54 -18.52
C VAL A 34 29.42 -14.78 -19.11
N ALA A 35 29.46 -15.87 -18.37
CA ALA A 35 28.72 -17.08 -18.68
C ALA A 35 27.83 -17.44 -17.49
N VAL A 36 26.62 -17.88 -17.79
CA VAL A 36 25.63 -18.21 -16.76
C VAL A 36 25.06 -19.58 -17.08
N VAL A 37 25.01 -20.46 -16.07
CA VAL A 37 24.60 -21.84 -16.24
C VAL A 37 23.29 -22.07 -15.49
N ASP A 38 22.38 -22.80 -16.12
CA ASP A 38 21.17 -23.27 -15.45
C ASP A 38 20.66 -24.51 -16.17
N VAL A 39 19.78 -25.25 -15.50
CA VAL A 39 19.39 -26.58 -15.96
C VAL A 39 18.17 -26.56 -16.88
N GLN A 40 17.44 -25.46 -16.94
CA GLN A 40 16.26 -25.34 -17.79
C GLN A 40 16.15 -23.88 -18.24
N THR A 41 15.37 -23.67 -19.30
CA THR A 41 15.09 -22.31 -19.76
C THR A 41 13.68 -21.86 -19.40
N SER A 42 12.84 -22.73 -18.83
CA SER A 42 11.51 -22.32 -18.43
C SER A 42 11.07 -23.16 -17.23
N HIS A 43 10.02 -22.66 -16.57
CA HIS A 43 9.55 -23.22 -15.31
C HIS A 43 9.08 -24.66 -15.47
N GLY A 44 9.09 -25.38 -14.37
CA GLY A 44 8.36 -26.62 -14.26
C GLY A 44 9.23 -27.86 -14.21
N PRO A 45 8.58 -29.02 -14.04
CA PRO A 45 9.22 -30.34 -13.99
C PRO A 45 10.13 -30.59 -15.19
N PRO A 46 11.16 -31.43 -15.03
CA PRO A 46 11.52 -32.17 -13.82
C PRO A 46 12.28 -31.37 -12.75
N PHE A 47 12.79 -30.19 -13.10
CA PHE A 47 13.69 -29.46 -12.22
C PHE A 47 13.09 -28.18 -11.64
N TYR A 48 11.88 -27.80 -12.06
CA TYR A 48 11.11 -26.77 -11.38
C TYR A 48 11.75 -25.38 -11.49
N ALA A 49 12.79 -25.11 -10.71
CA ALA A 49 13.53 -23.87 -10.91
C ALA A 49 14.23 -23.92 -12.26
N ALA A 50 14.57 -22.74 -12.78
CA ALA A 50 15.10 -22.63 -14.14
C ALA A 50 15.65 -21.23 -14.34
N LEU A 51 15.95 -20.90 -15.59
CA LEU A 51 16.32 -19.55 -15.98
C LEU A 51 15.36 -18.54 -15.36
N GLY A 52 15.91 -17.63 -14.56
CA GLY A 52 15.13 -16.69 -13.77
C GLY A 52 15.20 -16.97 -12.28
N GLY A 53 15.38 -18.22 -11.89
CA GLY A 53 15.57 -18.58 -10.49
C GLY A 53 14.33 -19.21 -9.88
N THR A 54 14.42 -19.41 -8.56
CA THR A 54 13.31 -19.99 -7.82
C THR A 54 12.15 -19.00 -7.72
N CYS A 55 12.46 -17.72 -7.51
CA CYS A 55 11.43 -16.70 -7.36
C CYS A 55 10.54 -16.63 -8.60
N VAL A 56 11.15 -16.50 -9.78
CA VAL A 56 10.38 -16.37 -11.01
C VAL A 56 9.55 -17.62 -11.27
N ASN A 57 10.15 -18.80 -11.08
CA ASN A 57 9.58 -20.03 -11.59
C ASN A 57 8.74 -20.79 -10.57
N VAL A 58 9.18 -20.85 -9.31
CA VAL A 58 8.48 -21.64 -8.30
C VAL A 58 8.59 -20.95 -6.95
N GLY A 59 8.46 -19.62 -6.95
CA GLY A 59 8.58 -18.87 -5.72
C GLY A 59 7.69 -17.64 -5.67
N CYS A 60 8.30 -16.48 -5.45
CA CYS A 60 7.54 -15.26 -5.17
C CYS A 60 6.51 -14.97 -6.24
N VAL A 61 6.87 -15.14 -7.51
CA VAL A 61 6.03 -14.69 -8.62
C VAL A 61 4.79 -15.56 -8.72
N PRO A 62 4.92 -16.88 -8.89
CA PRO A 62 3.71 -17.70 -8.95
C PRO A 62 2.88 -17.68 -7.68
N LYS A 63 3.57 -17.73 -6.56
CA LYS A 63 2.99 -17.64 -5.20
C LYS A 63 2.03 -16.41 -5.09
N LYS A 64 2.52 -15.31 -5.59
CA LYS A 64 1.81 -14.04 -5.54
C LYS A 64 0.55 -14.08 -6.40
N LEU A 65 0.69 -14.55 -7.64
CA LEU A 65 -0.46 -14.63 -8.53
C LEU A 65 -1.56 -15.51 -7.94
N MET A 66 -1.17 -16.62 -7.31
CA MET A 66 -2.16 -17.56 -6.79
C MET A 66 -2.80 -17.06 -5.50
N VAL A 67 -2.04 -16.35 -4.65
CA VAL A 67 -2.65 -15.69 -3.51
C VAL A 67 -3.65 -14.65 -3.98
N THR A 68 -3.30 -13.88 -5.01
CA THR A 68 -4.22 -12.91 -5.58
C THR A 68 -5.51 -13.58 -6.02
N GLY A 69 -5.41 -14.74 -6.66
CA GLY A 69 -6.60 -15.47 -7.05
C GLY A 69 -7.40 -15.94 -5.85
N ALA A 70 -6.71 -16.36 -4.79
CA ALA A 70 -7.40 -16.79 -3.58
C ALA A 70 -8.15 -15.65 -2.92
N GLN A 71 -7.60 -14.43 -2.99
CA GLN A 71 -8.24 -13.28 -2.37
C GLN A 71 -9.63 -13.01 -2.91
N TYR A 72 -9.96 -13.52 -4.11
CA TYR A 72 -11.27 -13.26 -4.68
C TYR A 72 -12.38 -14.02 -3.95
N MET A 73 -12.04 -15.03 -3.16
CA MET A 73 -13.04 -15.64 -2.29
C MET A 73 -13.56 -14.62 -1.28
N ASP A 74 -12.66 -13.79 -0.74
CA ASP A 74 -13.07 -12.76 0.20
C ASP A 74 -13.74 -11.58 -0.51
N HIS A 75 -13.19 -11.16 -1.65
CA HIS A 75 -13.79 -10.06 -2.40
C HIS A 75 -15.25 -10.36 -2.74
N LEU A 76 -15.51 -11.57 -3.26
CA LEU A 76 -16.86 -11.90 -3.70
C LEU A 76 -17.84 -11.94 -2.52
N ARG A 77 -17.40 -12.50 -1.39
CA ARG A 77 -18.26 -12.50 -0.20
C ARG A 77 -18.42 -11.08 0.34
N GLU A 78 -17.32 -10.33 0.44
CA GLU A 78 -17.34 -9.01 1.04
C GLU A 78 -18.08 -7.99 0.20
N SER A 79 -18.26 -8.23 -1.10
CA SER A 79 -18.91 -7.26 -1.96
C SER A 79 -20.37 -7.03 -1.58
N ALA A 80 -21.01 -8.00 -0.92
CA ALA A 80 -22.42 -7.85 -0.59
C ALA A 80 -22.65 -6.69 0.37
N GLY A 81 -21.71 -6.45 1.28
CA GLY A 81 -21.85 -5.34 2.22
C GLY A 81 -21.90 -3.99 1.56
N PHE A 82 -21.38 -3.87 0.34
CA PHE A 82 -21.39 -2.62 -0.40
C PHE A 82 -22.43 -2.61 -1.51
N GLY A 83 -23.44 -3.47 -1.41
CA GLY A 83 -24.58 -3.44 -2.29
C GLY A 83 -24.53 -4.39 -3.47
N TRP A 84 -23.48 -5.20 -3.59
CA TRP A 84 -23.34 -6.07 -4.75
C TRP A 84 -24.13 -7.35 -4.55
N GLU A 85 -24.93 -7.70 -5.55
CA GLU A 85 -25.85 -8.84 -5.48
C GLU A 85 -25.63 -9.73 -6.69
N PHE A 86 -25.49 -11.03 -6.44
CA PHE A 86 -25.42 -12.00 -7.52
C PHE A 86 -25.74 -13.38 -6.94
N ASP A 87 -25.83 -14.36 -7.82
CA ASP A 87 -26.18 -15.73 -7.43
C ASP A 87 -24.98 -16.35 -6.72
N GLY A 88 -25.05 -16.43 -5.40
CA GLY A 88 -23.95 -16.99 -4.63
C GLY A 88 -23.71 -18.46 -4.92
N SER A 89 -24.77 -19.20 -5.26
CA SER A 89 -24.64 -20.63 -5.50
C SER A 89 -23.98 -20.95 -6.83
N SER A 90 -23.80 -19.97 -7.71
CA SER A 90 -23.13 -20.18 -8.99
C SER A 90 -21.64 -19.90 -8.92
N VAL A 91 -21.13 -19.44 -7.78
CA VAL A 91 -19.70 -19.16 -7.65
C VAL A 91 -18.92 -20.46 -7.67
N LYS A 92 -17.93 -20.55 -8.55
CA LYS A 92 -17.04 -21.69 -8.63
C LYS A 92 -15.63 -21.20 -8.92
N ALA A 93 -14.65 -21.89 -8.37
CA ALA A 93 -13.24 -21.59 -8.60
C ALA A 93 -12.62 -22.70 -9.43
N ASN A 94 -12.02 -22.33 -10.55
CA ASN A 94 -11.41 -23.29 -11.48
C ASN A 94 -9.90 -23.29 -11.26
N TRP A 95 -9.39 -24.37 -10.70
CA TRP A 95 -7.98 -24.48 -10.36
C TRP A 95 -7.11 -24.62 -11.61
N LYS A 96 -7.59 -25.38 -12.61
CA LYS A 96 -6.81 -25.56 -13.83
C LYS A 96 -6.64 -24.25 -14.59
N LYS A 97 -7.63 -23.35 -14.52
CA LYS A 97 -7.47 -22.04 -15.14
C LYS A 97 -6.43 -21.21 -14.39
N LEU A 98 -6.45 -21.25 -13.06
CA LEU A 98 -5.46 -20.52 -12.28
C LEU A 98 -4.04 -20.99 -12.62
N ILE A 99 -3.82 -22.30 -12.62
CA ILE A 99 -2.50 -22.84 -12.96
C ILE A 99 -2.12 -22.45 -14.38
N ALA A 100 -3.04 -22.64 -15.33
CA ALA A 100 -2.76 -22.32 -16.72
C ALA A 100 -2.38 -20.86 -16.90
N ALA A 101 -3.12 -19.96 -16.25
CA ALA A 101 -2.82 -18.54 -16.38
C ALA A 101 -1.49 -18.20 -15.72
N LYS A 102 -1.24 -18.84 -14.62
CA LYS A 102 -0.01 -18.61 -13.86
C LYS A 102 1.20 -19.09 -14.71
N ASN A 103 1.05 -20.23 -15.39
CA ASN A 103 2.11 -20.76 -16.24
C ASN A 103 2.41 -19.81 -17.39
N GLU A 104 1.38 -19.22 -18.00
CA GLU A 104 1.61 -18.28 -19.08
C GLU A 104 2.43 -17.08 -18.61
N ALA A 105 2.11 -16.56 -17.43
CA ALA A 105 2.78 -15.37 -16.95
C ALA A 105 4.25 -15.64 -16.62
N VAL A 106 4.53 -16.80 -16.02
CA VAL A 106 5.91 -17.16 -15.71
C VAL A 106 6.68 -17.39 -17.00
N LEU A 107 6.07 -18.09 -17.96
CA LEU A 107 6.76 -18.37 -19.22
C LEU A 107 7.09 -17.08 -19.96
N ASP A 108 6.25 -16.06 -19.85
CA ASP A 108 6.57 -14.76 -20.44
C ASP A 108 7.85 -14.20 -19.85
N ILE A 109 8.08 -14.42 -18.55
CA ILE A 109 9.32 -13.98 -17.94
C ILE A 109 10.49 -14.85 -18.43
N ASN A 110 10.27 -16.16 -18.56
CA ASN A 110 11.30 -17.03 -19.12
C ASN A 110 11.69 -16.57 -20.51
N LYS A 111 10.69 -16.37 -21.38
CA LYS A 111 10.97 -15.92 -22.74
C LYS A 111 11.74 -14.62 -22.73
N SER A 112 11.38 -13.70 -21.84
CA SER A 112 12.04 -12.40 -21.80
C SER A 112 13.52 -12.54 -21.45
N TYR A 113 13.84 -13.42 -20.50
CA TYR A 113 15.23 -13.59 -20.10
C TYR A 113 16.05 -14.21 -21.23
N GLU A 114 15.46 -15.14 -21.97
CA GLU A 114 16.20 -15.75 -23.08
C GLU A 114 16.55 -14.70 -24.13
N GLY A 115 15.66 -13.73 -24.35
CA GLY A 115 15.97 -12.67 -25.29
C GLY A 115 17.04 -11.72 -24.78
N MET A 116 17.17 -11.60 -23.45
CA MET A 116 18.22 -10.77 -22.88
C MET A 116 19.59 -11.34 -23.21
N PHE A 117 19.78 -12.64 -22.98
CA PHE A 117 21.05 -13.28 -23.32
C PHE A 117 21.35 -13.15 -24.81
N ASN A 118 20.34 -13.39 -25.65
CA ASN A 118 20.55 -13.41 -27.09
C ASN A 118 21.02 -12.04 -27.61
N ASP A 119 20.61 -10.96 -26.95
CA ASP A 119 20.84 -9.61 -27.48
C ASP A 119 21.95 -8.85 -26.76
N THR A 120 22.56 -9.42 -25.72
CA THR A 120 23.56 -8.72 -24.93
C THR A 120 24.93 -9.33 -25.16
N GLU A 121 25.90 -8.49 -25.54
CA GLU A 121 27.26 -8.94 -25.74
C GLU A 121 27.91 -9.37 -24.43
N GLY A 122 28.77 -10.37 -24.52
CA GLY A 122 29.48 -10.85 -23.34
C GLY A 122 28.58 -11.37 -22.25
N LEU A 123 27.40 -11.90 -22.62
CA LEU A 123 26.48 -12.49 -21.66
C LEU A 123 25.90 -13.74 -22.31
N ASP A 124 26.52 -14.88 -22.04
CA ASP A 124 26.18 -16.14 -22.68
C ASP A 124 25.54 -17.09 -21.67
N PHE A 125 24.54 -17.83 -22.13
CA PHE A 125 23.85 -18.82 -21.31
C PHE A 125 24.26 -20.23 -21.74
N PHE A 126 24.42 -21.11 -20.76
CA PHE A 126 24.77 -22.50 -21.01
C PHE A 126 23.80 -23.40 -20.26
N LEU A 127 23.25 -24.38 -20.98
CA LEU A 127 22.28 -25.30 -20.42
C LEU A 127 22.98 -26.55 -19.92
N GLY A 128 22.75 -26.89 -18.66
CA GLY A 128 23.37 -28.05 -18.05
C GLY A 128 23.56 -27.82 -16.56
N TRP A 129 24.39 -28.67 -15.96
CA TRP A 129 24.63 -28.66 -14.52
C TRP A 129 26.06 -28.24 -14.25
N GLY A 130 26.22 -27.13 -13.53
CA GLY A 130 27.54 -26.63 -13.22
C GLY A 130 28.13 -27.30 -11.99
N SER A 131 29.46 -27.33 -11.94
CA SER A 131 30.17 -27.86 -10.78
C SER A 131 31.63 -27.45 -10.91
N LEU A 132 32.34 -27.53 -9.78
CA LEU A 132 33.73 -27.08 -9.71
C LEU A 132 34.64 -28.24 -10.10
N GLU A 133 35.33 -28.10 -11.22
CA GLU A 133 36.38 -29.04 -11.59
C GLU A 133 37.72 -28.65 -10.96
N SER A 134 38.03 -27.36 -10.97
CA SER A 134 39.23 -26.84 -10.32
C SER A 134 38.94 -25.40 -9.93
N LYS A 135 39.96 -24.73 -9.38
CA LYS A 135 39.78 -23.36 -8.93
C LYS A 135 39.33 -22.44 -10.04
N ASN A 136 39.66 -22.77 -11.30
CA ASN A 136 39.45 -21.85 -12.42
C ASN A 136 38.65 -22.48 -13.55
N VAL A 137 37.99 -23.61 -13.31
CA VAL A 137 37.26 -24.32 -14.34
C VAL A 137 35.90 -24.72 -13.80
N VAL A 138 34.84 -24.24 -14.44
CA VAL A 138 33.48 -24.70 -14.20
C VAL A 138 33.14 -25.69 -15.32
N VAL A 139 32.78 -26.91 -14.94
CA VAL A 139 32.40 -27.94 -15.90
C VAL A 139 30.88 -28.01 -15.96
N VAL A 140 30.34 -28.25 -17.15
CA VAL A 140 28.91 -28.35 -17.38
C VAL A 140 28.62 -29.75 -17.89
N ARG A 141 27.75 -30.47 -17.20
CA ARG A 141 27.39 -31.83 -17.57
C ARG A 141 25.90 -31.91 -17.88
N GLU A 142 25.51 -33.03 -18.48
CA GLU A 142 24.14 -33.23 -18.90
C GLU A 142 23.19 -33.41 -17.71
N THR A 143 23.70 -33.94 -16.59
CA THR A 143 22.89 -34.15 -15.39
C THR A 143 23.70 -33.75 -14.17
N ALA A 144 23.03 -33.76 -13.02
CA ALA A 144 23.70 -33.48 -11.76
C ALA A 144 24.65 -34.59 -11.35
N ASP A 145 24.59 -35.75 -12.00
CA ASP A 145 25.50 -36.85 -11.67
C ASP A 145 26.89 -36.56 -12.21
N PRO A 146 27.94 -36.68 -11.41
CA PRO A 146 29.30 -36.41 -11.93
C PRO A 146 29.71 -37.35 -13.05
N LYS A 147 28.99 -38.45 -13.26
CA LYS A 147 29.32 -39.40 -14.32
C LYS A 147 28.69 -39.05 -15.65
N SER A 148 27.78 -38.09 -15.70
CA SER A 148 27.13 -37.71 -16.95
C SER A 148 28.12 -36.97 -17.85
N ALA A 149 27.77 -36.91 -19.13
CA ALA A 149 28.69 -36.41 -20.15
C ALA A 149 28.98 -34.93 -19.95
N VAL A 150 30.21 -34.55 -20.29
CA VAL A 150 30.62 -33.15 -20.27
C VAL A 150 30.08 -32.46 -21.51
N LYS A 151 29.59 -31.23 -21.33
CA LYS A 151 29.17 -30.38 -22.44
C LYS A 151 30.18 -29.27 -22.70
N GLU A 152 30.63 -28.57 -21.67
CA GLU A 152 31.71 -27.60 -21.80
C GLU A 152 32.52 -27.56 -20.52
N ARG A 153 33.76 -27.09 -20.66
CA ARG A 153 34.60 -26.71 -19.53
C ARG A 153 34.83 -25.21 -19.66
N LEU A 154 34.20 -24.44 -18.79
CA LEU A 154 34.24 -22.98 -18.87
C LEU A 154 35.41 -22.47 -18.05
N GLN A 155 36.39 -21.88 -18.74
CA GLN A 155 37.53 -21.27 -18.06
C GLN A 155 37.09 -19.95 -17.45
N ALA A 156 37.41 -19.76 -16.16
CA ALA A 156 36.83 -18.65 -15.40
C ALA A 156 37.89 -18.02 -14.51
N ASP A 157 38.04 -16.70 -14.63
CA ASP A 157 38.86 -15.94 -13.69
C ASP A 157 38.14 -15.76 -12.36
N HIS A 158 36.81 -15.72 -12.38
CA HIS A 158 36.01 -15.61 -11.17
C HIS A 158 34.82 -16.54 -11.31
N ILE A 159 34.43 -17.18 -10.20
CA ILE A 159 33.34 -18.12 -10.17
C ILE A 159 32.36 -17.70 -9.09
N LEU A 160 31.06 -17.72 -9.43
CA LEU A 160 30.01 -17.32 -8.51
C LEU A 160 29.08 -18.50 -8.29
N LEU A 161 28.93 -18.90 -7.03
CA LEU A 161 27.98 -19.94 -6.64
C LEU A 161 26.67 -19.29 -6.26
N ALA A 162 25.61 -19.62 -6.99
CA ALA A 162 24.31 -18.99 -6.80
C ALA A 162 23.20 -19.96 -7.17
N THR A 163 23.20 -21.14 -6.55
CA THR A 163 22.27 -22.21 -6.89
C THR A 163 21.04 -22.23 -6.00
N GLY A 164 20.91 -21.29 -5.05
CA GLY A 164 19.69 -21.18 -4.28
C GLY A 164 19.59 -22.25 -3.19
N SER A 165 18.35 -22.62 -2.88
CA SER A 165 18.05 -23.61 -1.86
C SER A 165 17.08 -24.64 -2.43
N TRP A 166 16.72 -25.62 -1.61
CA TRP A 166 15.87 -26.72 -2.02
C TRP A 166 14.97 -27.11 -0.85
N PRO A 167 13.73 -27.52 -1.10
CA PRO A 167 12.84 -27.88 0.00
C PRO A 167 13.36 -29.08 0.78
N GLN A 168 13.29 -28.97 2.10
CA GLN A 168 13.75 -30.00 3.01
C GLN A 168 12.60 -30.97 3.28
N MET A 169 12.87 -32.27 3.13
CA MET A 169 11.85 -33.29 3.31
C MET A 169 12.25 -34.20 4.47
N PRO A 170 11.43 -34.35 5.51
CA PRO A 170 11.83 -35.19 6.64
C PRO A 170 11.84 -36.66 6.27
N ALA A 171 12.69 -37.41 6.97
CA ALA A 171 12.87 -38.84 6.69
C ALA A 171 11.92 -39.63 7.58
N ILE A 172 10.65 -39.61 7.20
CA ILE A 172 9.63 -40.41 7.88
C ILE A 172 9.11 -41.43 6.87
N PRO A 173 8.60 -42.58 7.33
CA PRO A 173 8.02 -43.52 6.37
C PRO A 173 6.82 -42.90 5.66
N GLY A 174 6.73 -43.15 4.36
CA GLY A 174 5.67 -42.59 3.56
C GLY A 174 5.94 -41.19 3.06
N ILE A 175 7.13 -40.64 3.28
CA ILE A 175 7.46 -39.33 2.76
C ILE A 175 7.28 -39.29 1.24
N GLU A 176 7.46 -40.44 0.59
CA GLU A 176 7.29 -40.51 -0.86
C GLU A 176 5.86 -40.24 -1.30
N HIS A 177 4.89 -40.26 -0.39
CA HIS A 177 3.52 -39.89 -0.70
C HIS A 177 3.25 -38.42 -0.46
N CYS A 178 4.25 -37.64 -0.09
CA CYS A 178 4.11 -36.22 0.18
C CYS A 178 4.78 -35.42 -0.93
N ILE A 179 4.50 -34.11 -0.92
CA ILE A 179 5.07 -33.18 -1.89
C ILE A 179 5.71 -32.02 -1.13
N SER A 180 6.36 -31.15 -1.90
CA SER A 180 6.82 -29.87 -1.41
C SER A 180 6.09 -28.76 -2.19
N SER A 181 6.55 -27.53 -2.03
CA SER A 181 5.93 -26.43 -2.76
C SER A 181 6.18 -26.54 -4.25
N ASN A 182 7.29 -27.19 -4.65
CA ASN A 182 7.58 -27.34 -6.07
C ASN A 182 6.43 -28.03 -6.80
N GLU A 183 5.95 -29.15 -6.25
CA GLU A 183 4.88 -29.90 -6.91
C GLU A 183 3.51 -29.24 -6.71
N ALA A 184 3.32 -28.51 -5.61
CA ALA A 184 2.05 -27.84 -5.39
C ALA A 184 1.72 -26.86 -6.50
N PHE A 185 2.74 -26.31 -7.16
CA PHE A 185 2.53 -25.37 -8.24
C PHE A 185 2.00 -26.03 -9.51
N TYR A 186 1.94 -27.36 -9.57
CA TYR A 186 1.51 -28.06 -10.78
C TYR A 186 0.48 -29.13 -10.47
N LEU A 187 -0.18 -29.07 -9.34
CA LEU A 187 -1.19 -30.07 -9.01
C LEU A 187 -2.27 -30.08 -10.07
N PRO A 188 -2.65 -31.24 -10.60
CA PRO A 188 -3.71 -31.25 -11.62
C PRO A 188 -5.06 -30.84 -11.09
N GLU A 189 -5.35 -31.12 -9.83
CA GLU A 189 -6.61 -30.78 -9.19
C GLU A 189 -6.35 -30.06 -7.89
N PRO A 190 -7.31 -29.26 -7.43
CA PRO A 190 -7.19 -28.68 -6.09
C PRO A 190 -7.58 -29.71 -5.04
N PRO A 191 -6.75 -29.89 -4.00
CA PRO A 191 -7.08 -30.90 -2.99
C PRO A 191 -8.31 -30.51 -2.18
N ARG A 192 -9.24 -31.46 -2.03
CA ARG A 192 -10.38 -31.24 -1.15
C ARG A 192 -9.92 -31.12 0.29
N ARG A 193 -9.12 -32.07 0.75
CA ARG A 193 -8.47 -32.01 2.05
C ARG A 193 -6.97 -31.95 1.83
N VAL A 194 -6.30 -31.06 2.54
CA VAL A 194 -4.86 -30.88 2.38
C VAL A 194 -4.24 -30.55 3.73
N LEU A 195 -3.06 -31.09 3.97
CA LEU A 195 -2.27 -30.81 5.16
C LEU A 195 -0.99 -30.10 4.72
N THR A 196 -0.84 -28.84 5.10
CA THR A 196 0.42 -28.13 4.96
C THR A 196 1.21 -28.27 6.25
N VAL A 197 2.39 -28.87 6.17
CA VAL A 197 3.23 -29.13 7.33
C VAL A 197 4.28 -28.04 7.42
N GLY A 198 4.34 -27.38 8.58
CA GLY A 198 5.28 -26.29 8.80
C GLY A 198 4.57 -25.01 9.20
N GLY A 199 5.25 -24.19 9.99
CA GLY A 199 4.69 -22.93 10.46
C GLY A 199 5.24 -21.69 9.78
N GLY A 200 6.04 -21.84 8.73
CA GLY A 200 6.65 -20.71 8.07
C GLY A 200 5.74 -20.09 7.01
N PHE A 201 6.30 -19.10 6.31
CA PHE A 201 5.50 -18.31 5.39
C PHE A 201 5.02 -19.13 4.20
N ILE A 202 5.81 -20.10 3.74
CA ILE A 202 5.41 -20.92 2.60
C ILE A 202 4.16 -21.72 2.95
N SER A 203 4.17 -22.40 4.10
CA SER A 203 3.02 -23.18 4.52
C SER A 203 1.79 -22.31 4.74
N VAL A 204 1.97 -21.17 5.39
CA VAL A 204 0.84 -20.28 5.66
C VAL A 204 0.24 -19.76 4.35
N GLU A 205 1.10 -19.35 3.42
CA GLU A 205 0.61 -18.77 2.18
C GLU A 205 -0.13 -19.81 1.34
N PHE A 206 0.34 -21.06 1.34
CA PHE A 206 -0.32 -22.09 0.55
C PHE A 206 -1.62 -22.54 1.22
N ALA A 207 -1.67 -22.53 2.54
CA ALA A 207 -2.95 -22.78 3.22
C ALA A 207 -4.01 -21.81 2.71
N GLY A 208 -3.66 -20.53 2.59
CA GLY A 208 -4.61 -19.57 2.06
C GLY A 208 -5.03 -19.89 0.64
N ILE A 209 -4.08 -20.30 -0.20
CA ILE A 209 -4.41 -20.65 -1.58
C ILE A 209 -5.36 -21.84 -1.63
N PHE A 210 -4.97 -22.94 -0.99
CA PHE A 210 -5.78 -24.14 -1.05
C PHE A 210 -7.16 -23.92 -0.43
N ASN A 211 -7.25 -23.04 0.57
CA ASN A 211 -8.53 -22.78 1.21
C ASN A 211 -9.51 -22.13 0.24
N ALA A 212 -9.01 -21.31 -0.69
CA ALA A 212 -9.89 -20.60 -1.62
C ALA A 212 -10.35 -21.48 -2.77
N TYR A 213 -9.53 -22.43 -3.20
CA TYR A 213 -9.82 -23.22 -4.39
C TYR A 213 -10.27 -24.64 -4.07
N LYS A 214 -10.44 -24.99 -2.81
CA LYS A 214 -10.87 -26.34 -2.48
C LYS A 214 -12.29 -26.59 -2.99
N PRO A 215 -12.59 -27.80 -3.47
CA PRO A 215 -13.96 -28.12 -3.88
C PRO A 215 -14.87 -28.23 -2.67
N PRO A 216 -16.18 -28.34 -2.89
CA PRO A 216 -17.12 -28.36 -1.76
C PRO A 216 -16.84 -29.51 -0.80
N GLY A 217 -17.04 -29.26 0.48
CA GLY A 217 -16.75 -30.25 1.50
C GLY A 217 -15.28 -30.40 1.79
N GLY A 218 -14.49 -29.36 1.58
CA GLY A 218 -13.06 -29.42 1.79
C GLY A 218 -12.63 -28.77 3.10
N LYS A 219 -11.38 -29.03 3.46
CA LYS A 219 -10.80 -28.44 4.66
C LYS A 219 -9.29 -28.40 4.51
N VAL A 220 -8.70 -27.25 4.84
CA VAL A 220 -7.26 -27.10 4.91
C VAL A 220 -6.86 -27.22 6.38
N THR A 221 -5.84 -28.04 6.64
CA THR A 221 -5.27 -28.16 7.97
C THR A 221 -3.79 -27.80 7.90
N LEU A 222 -3.37 -26.86 8.74
CA LEU A 222 -1.98 -26.51 8.89
C LEU A 222 -1.50 -27.03 10.23
N CYS A 223 -0.39 -27.78 10.22
CA CYS A 223 0.18 -28.30 11.44
C CYS A 223 1.58 -27.74 11.63
N TYR A 224 1.96 -27.57 12.90
CA TYR A 224 3.26 -27.03 13.27
C TYR A 224 3.64 -27.65 14.60
N ARG A 225 4.91 -28.05 14.71
CA ARG A 225 5.33 -28.89 15.84
C ARG A 225 5.45 -28.12 17.15
N ASN A 226 5.49 -26.79 17.10
CA ASN A 226 5.56 -25.98 18.31
C ASN A 226 4.23 -25.26 18.54
N ASN A 227 4.23 -24.29 19.46
CA ASN A 227 2.98 -23.76 19.98
C ASN A 227 2.39 -22.66 19.11
N LEU A 228 3.22 -21.85 18.45
CA LEU A 228 2.74 -20.69 17.72
C LEU A 228 3.46 -20.59 16.38
N ILE A 229 2.71 -20.30 15.33
CA ILE A 229 3.24 -20.30 13.97
C ILE A 229 3.99 -19.01 13.67
N LEU A 230 4.78 -19.03 12.59
CA LEU A 230 5.48 -17.84 12.11
C LEU A 230 6.49 -17.33 13.13
N ARG A 231 7.25 -18.26 13.72
CA ARG A 231 8.40 -17.92 14.52
C ARG A 231 9.28 -16.91 13.79
N GLY A 232 9.85 -15.97 14.54
CA GLY A 232 10.64 -14.90 13.99
C GLY A 232 9.88 -13.60 13.80
N PHE A 233 8.57 -13.68 13.61
CA PHE A 233 7.75 -12.49 13.42
C PHE A 233 7.25 -11.97 14.76
N ASP A 234 6.67 -10.77 14.73
CA ASP A 234 6.13 -10.15 15.93
C ASP A 234 5.05 -11.03 16.54
N GLU A 235 5.10 -11.21 17.86
CA GLU A 235 4.25 -12.21 18.50
C GLU A 235 2.78 -11.83 18.41
N THR A 236 2.46 -10.54 18.55
CA THR A 236 1.08 -10.10 18.40
C THR A 236 0.53 -10.53 17.04
N ILE A 237 1.31 -10.30 15.99
CA ILE A 237 0.85 -10.65 14.64
C ILE A 237 0.75 -12.16 14.49
N ARG A 238 1.69 -12.90 15.06
CA ARG A 238 1.63 -14.36 15.00
C ARG A 238 0.30 -14.86 15.57
N GLU A 239 -0.16 -14.28 16.67
CA GLU A 239 -1.42 -14.70 17.26
C GLU A 239 -2.61 -14.24 16.41
N GLU A 240 -2.54 -13.04 15.85
CA GLU A 240 -3.70 -12.54 15.10
C GLU A 240 -3.89 -13.30 13.79
N VAL A 241 -2.80 -13.59 13.07
CA VAL A 241 -2.95 -14.35 11.82
C VAL A 241 -3.49 -15.74 12.13
N THR A 242 -3.07 -16.33 13.25
CA THR A 242 -3.64 -17.60 13.67
C THR A 242 -5.15 -17.49 13.82
N LYS A 243 -5.62 -16.40 14.43
CA LYS A 243 -7.05 -16.19 14.59
C LYS A 243 -7.73 -15.96 13.24
N GLN A 244 -7.14 -15.11 12.40
CA GLN A 244 -7.77 -14.74 11.13
C GLN A 244 -7.69 -15.85 10.09
N LEU A 245 -6.72 -16.76 10.20
CA LEU A 245 -6.75 -17.96 9.39
C LEU A 245 -7.85 -18.90 9.88
N THR A 246 -7.92 -19.11 11.19
CA THR A 246 -9.01 -19.89 11.77
C THR A 246 -10.37 -19.29 11.40
N ALA A 247 -10.46 -17.97 11.38
CA ALA A 247 -11.73 -17.31 11.07
C ALA A 247 -12.16 -17.53 9.63
N ASN A 248 -11.22 -17.82 8.73
CA ASN A 248 -11.55 -18.04 7.33
C ASN A 248 -11.66 -19.52 6.98
N GLY A 249 -11.64 -20.40 7.99
CA GLY A 249 -11.93 -21.80 7.78
C GLY A 249 -10.74 -22.74 7.88
N ILE A 250 -9.55 -22.24 8.15
CA ILE A 250 -8.35 -23.07 8.17
C ILE A 250 -8.14 -23.59 9.59
N GLU A 251 -8.12 -24.91 9.72
CA GLU A 251 -7.81 -25.54 10.99
C GLU A 251 -6.29 -25.48 11.22
N ILE A 252 -5.87 -24.83 12.30
CA ILE A 252 -4.48 -24.82 12.71
C ILE A 252 -4.28 -25.92 13.74
N MET A 253 -3.19 -26.67 13.61
CA MET A 253 -2.94 -27.86 14.43
C MET A 253 -1.54 -27.73 15.02
N THR A 254 -1.43 -26.98 16.11
CA THR A 254 -0.14 -26.71 16.72
C THR A 254 0.29 -27.83 17.66
N ASN A 255 1.60 -27.89 17.93
CA ASN A 255 2.18 -28.92 18.78
C ASN A 255 1.91 -30.32 18.22
N GLU A 256 1.91 -30.43 16.90
CA GLU A 256 1.71 -31.71 16.23
C GLU A 256 2.69 -31.80 15.06
N ASN A 257 3.17 -33.02 14.82
CA ASN A 257 4.14 -33.26 13.77
C ASN A 257 3.87 -34.63 13.17
N PRO A 258 3.77 -34.75 11.85
CA PRO A 258 3.52 -36.07 11.26
C PRO A 258 4.65 -37.05 11.57
N ALA A 259 4.27 -38.30 11.83
CA ALA A 259 5.23 -39.37 12.09
C ALA A 259 5.27 -40.41 10.97
N LYS A 260 4.20 -40.57 10.20
CA LYS A 260 4.21 -41.45 9.04
C LYS A 260 3.02 -41.12 8.17
N VAL A 261 3.10 -41.59 6.91
CA VAL A 261 2.03 -41.43 5.94
C VAL A 261 1.85 -42.76 5.23
N SER A 262 0.61 -43.22 5.12
CA SER A 262 0.29 -44.42 4.36
C SER A 262 -0.81 -44.11 3.37
N LEU A 263 -0.97 -45.00 2.39
CA LEU A 263 -1.97 -44.82 1.35
C LEU A 263 -3.27 -45.50 1.74
N ASN A 264 -4.38 -44.79 1.53
CA ASN A 264 -5.69 -45.39 1.63
C ASN A 264 -6.05 -46.09 0.31
N THR A 265 -7.16 -46.83 0.33
CA THR A 265 -7.57 -47.57 -0.85
C THR A 265 -7.85 -46.64 -2.02
N ASP A 266 -8.52 -45.51 -1.77
CA ASP A 266 -8.88 -44.60 -2.85
C ASP A 266 -7.72 -43.71 -3.29
N GLY A 267 -6.56 -43.81 -2.64
CA GLY A 267 -5.41 -43.01 -2.99
C GLY A 267 -5.12 -41.86 -2.05
N SER A 268 -6.05 -41.56 -1.13
CA SER A 268 -5.80 -40.51 -0.16
C SER A 268 -4.70 -40.93 0.81
N LYS A 269 -4.27 -39.99 1.65
CA LYS A 269 -3.15 -40.19 2.55
C LYS A 269 -3.66 -40.31 3.98
N HIS A 270 -3.17 -41.32 4.69
CA HIS A 270 -3.48 -41.52 6.11
C HIS A 270 -2.28 -41.02 6.91
N VAL A 271 -2.43 -39.86 7.54
CA VAL A 271 -1.36 -39.25 8.30
C VAL A 271 -1.50 -39.67 9.76
N THR A 272 -0.41 -40.15 10.34
CA THR A 272 -0.33 -40.42 11.77
C THR A 272 0.68 -39.46 12.37
N PHE A 273 0.24 -38.70 13.37
CA PHE A 273 1.12 -37.75 14.04
C PHE A 273 1.86 -38.43 15.19
N GLU A 274 2.94 -37.79 15.62
CA GLU A 274 3.72 -38.33 16.74
C GLU A 274 2.85 -38.53 17.97
N SER A 275 1.78 -37.75 18.10
CA SER A 275 0.90 -37.82 19.25
C SER A 275 -0.09 -38.99 19.18
N GLY A 276 -0.04 -39.80 18.12
CA GLY A 276 -1.00 -40.85 17.91
C GLY A 276 -2.25 -40.43 17.17
N LYS A 277 -2.52 -39.13 17.09
CA LYS A 277 -3.63 -38.64 16.28
C LYS A 277 -3.45 -39.08 14.83
N THR A 278 -4.55 -39.04 14.09
CA THR A 278 -4.51 -39.36 12.66
C THR A 278 -5.38 -38.36 11.91
N LEU A 279 -5.14 -38.31 10.60
CA LEU A 279 -5.90 -37.44 9.71
C LEU A 279 -5.79 -37.99 8.30
N ASP A 280 -6.90 -37.92 7.56
CA ASP A 280 -6.94 -38.35 6.17
C ASP A 280 -7.05 -37.11 5.28
N VAL A 281 -6.10 -36.96 4.36
CA VAL A 281 -6.09 -35.86 3.42
C VAL A 281 -5.80 -36.40 2.02
N ASP A 282 -6.02 -35.54 1.03
CA ASP A 282 -5.72 -35.88 -0.35
C ASP A 282 -4.33 -35.44 -0.76
N VAL A 283 -3.74 -34.45 -0.09
CA VAL A 283 -2.38 -34.01 -0.34
C VAL A 283 -1.73 -33.70 0.99
N VAL A 284 -0.44 -34.00 1.09
CA VAL A 284 0.39 -33.61 2.23
C VAL A 284 1.54 -32.79 1.66
N MET A 285 1.56 -31.49 1.98
CA MET A 285 2.60 -30.59 1.48
C MET A 285 3.58 -30.31 2.62
N MET A 286 4.82 -30.76 2.44
CA MET A 286 5.88 -30.50 3.40
C MET A 286 6.50 -29.14 3.12
N ALA A 287 6.48 -28.26 4.11
CA ALA A 287 7.13 -26.95 4.01
C ALA A 287 7.77 -26.65 5.36
N ILE A 288 8.70 -27.52 5.78
CA ILE A 288 9.35 -27.37 7.09
C ILE A 288 10.65 -26.60 7.01
N GLY A 289 11.11 -26.27 5.80
CA GLY A 289 12.36 -25.53 5.66
C GLY A 289 12.94 -25.73 4.28
N ARG A 290 13.93 -24.90 3.99
CA ARG A 290 14.67 -24.95 2.74
C ARG A 290 16.15 -24.90 3.05
N ILE A 291 16.92 -25.81 2.45
CA ILE A 291 18.32 -25.97 2.81
C ILE A 291 19.21 -25.56 1.64
N PRO A 292 20.41 -25.03 1.90
CA PRO A 292 21.25 -24.56 0.80
C PRO A 292 21.61 -25.69 -0.16
N ARG A 293 21.61 -25.37 -1.45
CA ARG A 293 21.71 -26.37 -2.51
C ARG A 293 23.19 -26.56 -2.88
N THR A 294 23.86 -27.38 -2.08
CA THR A 294 25.30 -27.61 -2.21
C THR A 294 25.65 -28.99 -2.74
N ASN A 295 24.66 -29.86 -2.96
CA ASN A 295 24.94 -31.28 -3.13
C ASN A 295 25.52 -31.63 -4.50
N ASP A 296 25.32 -30.79 -5.51
CA ASP A 296 25.74 -31.12 -6.87
C ASP A 296 26.93 -30.31 -7.35
N LEU A 297 27.49 -29.43 -6.52
CA LEU A 297 28.52 -28.51 -6.98
C LEU A 297 29.93 -29.06 -6.88
N GLN A 298 30.13 -30.20 -6.20
CA GLN A 298 31.46 -30.79 -6.06
C GLN A 298 32.41 -29.83 -5.36
N LEU A 299 31.92 -29.23 -4.27
CA LEU A 299 32.73 -28.24 -3.56
C LEU A 299 34.01 -28.84 -3.00
N GLY A 300 33.99 -30.14 -2.69
CA GLY A 300 35.18 -30.78 -2.16
C GLY A 300 36.33 -30.80 -3.15
N ASN A 301 36.03 -30.78 -4.45
CA ASN A 301 37.09 -30.81 -5.45
C ASN A 301 38.10 -29.68 -5.24
N VAL A 302 37.61 -28.50 -4.89
CA VAL A 302 38.47 -27.34 -4.69
C VAL A 302 38.54 -26.87 -3.24
N GLY A 303 37.69 -27.40 -2.37
CA GLY A 303 37.80 -27.13 -0.95
C GLY A 303 37.03 -25.94 -0.44
N VAL A 304 35.91 -25.59 -1.07
CA VAL A 304 35.06 -24.54 -0.54
C VAL A 304 34.45 -25.00 0.77
N LYS A 305 34.64 -24.19 1.82
CA LYS A 305 34.20 -24.57 3.16
C LYS A 305 32.73 -24.23 3.37
N LEU A 306 32.05 -25.09 4.11
CA LEU A 306 30.69 -24.84 4.56
C LEU A 306 30.70 -24.41 6.02
N THR A 307 29.64 -23.68 6.40
CA THR A 307 29.48 -23.27 7.78
C THR A 307 29.06 -24.47 8.61
N PRO A 308 29.13 -24.37 9.94
CA PRO A 308 28.56 -25.43 10.78
C PRO A 308 27.09 -25.68 10.53
N LYS A 309 26.40 -24.79 9.84
CA LYS A 309 24.97 -24.90 9.58
C LYS A 309 24.64 -25.55 8.25
N GLY A 310 25.53 -25.46 7.27
CA GLY A 310 25.31 -26.11 5.99
C GLY A 310 25.54 -25.21 4.78
N GLY A 311 25.42 -23.90 4.98
CA GLY A 311 25.61 -22.96 3.90
C GLY A 311 27.09 -22.76 3.56
N VAL A 312 27.31 -22.16 2.39
CA VAL A 312 28.67 -21.83 1.97
C VAL A 312 29.17 -20.65 2.79
N GLN A 313 30.25 -20.85 3.53
CA GLN A 313 30.80 -19.79 4.36
C GLN A 313 31.32 -18.66 3.49
N VAL A 314 30.92 -17.43 3.81
CA VAL A 314 31.35 -16.25 3.08
C VAL A 314 31.64 -15.13 4.09
N ASP A 315 32.60 -14.27 3.74
CA ASP A 315 32.80 -13.06 4.50
C ASP A 315 31.80 -12.00 4.04
N GLU A 316 31.89 -10.80 4.63
CA GLU A 316 30.91 -9.77 4.34
C GLU A 316 30.93 -9.31 2.89
N PHE A 317 31.94 -9.69 2.11
CA PHE A 317 32.01 -9.36 0.70
C PHE A 317 31.71 -10.56 -0.19
N SER A 318 31.03 -11.57 0.35
CA SER A 318 30.58 -12.75 -0.40
C SER A 318 31.74 -13.62 -0.88
N ARG A 319 32.93 -13.45 -0.31
CA ARG A 319 34.09 -14.26 -0.69
C ARG A 319 34.13 -15.54 0.13
N THR A 320 34.43 -16.66 -0.53
CA THR A 320 34.63 -17.93 0.14
C THR A 320 36.07 -18.05 0.60
N ASN A 321 36.42 -19.21 1.16
CA ASN A 321 37.80 -19.46 1.57
C ASN A 321 38.74 -19.69 0.40
N VAL A 322 38.21 -19.90 -0.80
CA VAL A 322 39.02 -20.14 -1.99
C VAL A 322 39.04 -18.85 -2.80
N PRO A 323 40.21 -18.29 -3.12
CA PRO A 323 40.25 -17.01 -3.84
C PRO A 323 39.59 -17.11 -5.20
N ASN A 324 38.88 -16.04 -5.56
CA ASN A 324 38.18 -15.88 -6.84
C ASN A 324 36.92 -16.74 -6.94
N ILE A 325 36.47 -17.34 -5.84
CA ILE A 325 35.19 -18.04 -5.79
C ILE A 325 34.32 -17.33 -4.77
N TYR A 326 33.08 -17.03 -5.16
CA TYR A 326 32.15 -16.28 -4.33
C TYR A 326 30.83 -17.03 -4.26
N ALA A 327 29.98 -16.59 -3.34
CA ALA A 327 28.65 -17.19 -3.18
C ALA A 327 27.70 -16.13 -2.63
N ILE A 328 26.48 -16.13 -3.17
CA ILE A 328 25.43 -15.22 -2.74
C ILE A 328 24.12 -15.98 -2.69
N GLY A 329 23.11 -15.34 -2.11
CA GLY A 329 21.77 -15.88 -2.15
C GLY A 329 21.52 -16.96 -1.11
N ASP A 330 20.53 -17.80 -1.41
CA ASP A 330 20.07 -18.78 -0.44
C ASP A 330 21.15 -19.79 -0.09
N ILE A 331 22.11 -20.03 -0.98
CA ILE A 331 23.14 -21.04 -0.69
C ILE A 331 24.03 -20.58 0.46
N THR A 332 24.11 -19.28 0.73
CA THR A 332 24.80 -18.80 1.92
C THR A 332 23.94 -18.92 3.17
N ASP A 333 22.66 -19.24 3.02
CA ASP A 333 21.81 -19.66 4.13
C ASP A 333 21.74 -18.60 5.22
N ARG A 334 21.40 -17.37 4.83
CA ARG A 334 21.19 -16.29 5.78
C ARG A 334 19.77 -15.79 5.59
N LEU A 335 19.55 -14.65 4.95
CA LEU A 335 18.20 -14.16 4.64
C LEU A 335 17.83 -14.68 3.26
N MET A 336 16.92 -15.66 3.21
CA MET A 336 16.53 -16.28 1.95
C MET A 336 15.42 -15.44 1.31
N LEU A 337 15.80 -14.25 0.85
CA LEU A 337 14.91 -13.32 0.18
C LEU A 337 15.51 -12.93 -1.16
N THR A 338 14.64 -12.77 -2.17
CA THR A 338 15.11 -12.42 -3.50
C THR A 338 15.82 -11.07 -3.53
N PRO A 339 15.25 -9.98 -3.00
CA PRO A 339 15.96 -8.69 -3.07
C PRO A 339 17.31 -8.70 -2.37
N VAL A 340 17.51 -9.56 -1.38
CA VAL A 340 18.82 -9.67 -0.75
C VAL A 340 19.83 -10.31 -1.70
N ALA A 341 19.42 -11.38 -2.37
CA ALA A 341 20.31 -12.03 -3.34
C ALA A 341 20.65 -11.09 -4.49
N ILE A 342 19.72 -10.22 -4.88
CA ILE A 342 20.01 -9.22 -5.89
C ILE A 342 21.05 -8.23 -5.36
N ASN A 343 20.85 -7.76 -4.14
CA ASN A 343 21.77 -6.77 -3.57
C ASN A 343 23.17 -7.37 -3.40
N GLU A 344 23.26 -8.61 -2.91
CA GLU A 344 24.55 -9.25 -2.75
C GLU A 344 25.25 -9.42 -4.09
N GLY A 345 24.50 -9.74 -5.13
CA GLY A 345 25.11 -9.91 -6.45
C GLY A 345 25.60 -8.60 -7.04
N ALA A 346 24.85 -7.52 -6.84
CA ALA A 346 25.28 -6.23 -7.34
C ALA A 346 26.50 -5.70 -6.59
N ALA A 347 26.53 -5.91 -5.27
CA ALA A 347 27.69 -5.47 -4.49
C ALA A 347 28.93 -6.28 -4.84
N LEU A 348 28.75 -7.56 -5.17
CA LEU A 348 29.88 -8.40 -5.53
C LEU A 348 30.55 -7.90 -6.81
N VAL A 349 29.76 -7.56 -7.82
CA VAL A 349 30.33 -7.14 -9.10
C VAL A 349 30.98 -5.77 -8.98
N ASP A 350 30.36 -4.86 -8.23
CA ASP A 350 30.96 -3.55 -8.01
C ASP A 350 32.34 -3.69 -7.36
N THR A 351 32.47 -4.58 -6.38
CA THR A 351 33.74 -4.78 -5.71
C THR A 351 34.76 -5.42 -6.63
N VAL A 352 34.38 -6.51 -7.31
CA VAL A 352 35.35 -7.29 -8.06
C VAL A 352 35.81 -6.55 -9.30
N PHE A 353 34.87 -5.96 -10.05
CA PHE A 353 35.17 -5.47 -11.39
C PHE A 353 35.17 -3.95 -11.52
N GLY A 354 34.52 -3.22 -10.61
CA GLY A 354 34.49 -1.78 -10.70
C GLY A 354 35.32 -1.05 -9.67
N ASN A 355 36.25 -1.76 -9.02
CA ASN A 355 36.93 -1.28 -7.81
C ASN A 355 36.03 -0.31 -7.05
N LYS A 356 34.85 -0.81 -6.65
CA LYS A 356 33.83 -0.02 -5.97
C LYS A 356 33.36 -0.87 -4.78
N PRO A 357 34.17 -0.95 -3.71
CA PRO A 357 33.87 -1.92 -2.66
C PRO A 357 32.57 -1.62 -1.93
N ARG A 358 31.55 -2.43 -2.20
CA ARG A 358 30.26 -2.33 -1.53
C ARG A 358 29.94 -3.67 -0.88
N LYS A 359 29.24 -3.61 0.26
CA LYS A 359 28.76 -4.81 0.93
C LYS A 359 27.30 -4.64 1.33
N THR A 360 26.59 -5.76 1.35
CA THR A 360 25.16 -5.76 1.64
C THR A 360 24.91 -5.59 3.12
N ASP A 361 23.95 -4.72 3.45
CA ASP A 361 23.49 -4.56 4.82
C ASP A 361 22.32 -5.50 5.04
N HIS A 362 22.51 -6.52 5.87
CA HIS A 362 21.48 -7.51 6.14
C HIS A 362 20.58 -7.15 7.31
N THR A 363 20.81 -6.01 7.95
CA THR A 363 19.93 -5.53 9.00
C THR A 363 18.87 -4.60 8.41
N ARG A 364 17.76 -4.48 9.12
CA ARG A 364 16.70 -3.53 8.75
C ARG A 364 16.15 -3.81 7.36
N VAL A 365 16.09 -5.07 6.96
CA VAL A 365 15.56 -5.45 5.66
C VAL A 365 14.06 -5.64 5.77
N ALA A 366 13.31 -4.99 4.88
CA ALA A 366 11.86 -5.11 4.88
C ALA A 366 11.45 -6.35 4.09
N SER A 367 10.44 -7.05 4.61
CA SER A 367 9.96 -8.27 3.98
C SER A 367 8.46 -8.39 4.24
N ALA A 368 7.85 -9.38 3.59
CA ALA A 368 6.41 -9.54 3.65
C ALA A 368 6.05 -11.01 3.73
N VAL A 369 4.84 -11.26 4.23
CA VAL A 369 4.20 -12.57 4.15
C VAL A 369 2.85 -12.35 3.48
N PHE A 370 2.62 -13.02 2.37
CA PHE A 370 1.36 -12.85 1.64
C PHE A 370 0.30 -13.83 2.11
N SER A 371 0.15 -13.90 3.43
CA SER A 371 -1.03 -14.49 4.01
C SER A 371 -2.25 -13.62 3.72
N ILE A 372 -3.42 -14.12 4.09
CA ILE A 372 -4.66 -13.38 3.89
C ILE A 372 -5.28 -13.09 5.26
N PRO A 373 -5.17 -11.84 5.74
CA PRO A 373 -4.43 -10.68 5.21
C PRO A 373 -2.91 -10.79 5.35
N PRO A 374 -2.18 -9.93 4.65
CA PRO A 374 -0.72 -10.08 4.57
C PRO A 374 0.00 -9.44 5.75
N ILE A 375 1.32 -9.63 5.78
CA ILE A 375 2.20 -9.09 6.81
C ILE A 375 3.26 -8.23 6.13
N GLY A 376 3.61 -7.13 6.77
CA GLY A 376 4.74 -6.33 6.36
C GLY A 376 5.59 -5.97 7.56
N THR A 377 6.92 -6.13 7.46
CA THR A 377 7.77 -6.00 8.62
C THR A 377 9.15 -5.52 8.21
N CYS A 378 9.81 -4.83 9.13
CA CYS A 378 11.18 -4.38 8.92
C CYS A 378 11.79 -4.11 10.29
N GLY A 379 13.01 -4.62 10.50
CA GLY A 379 13.72 -4.38 11.74
C GLY A 379 13.47 -5.45 12.78
N LEU A 380 13.72 -5.09 14.03
CA LEU A 380 13.73 -6.02 15.13
C LEU A 380 12.34 -6.20 15.73
N ILE A 381 12.07 -7.41 16.20
CA ILE A 381 10.93 -7.65 17.07
C ILE A 381 11.32 -7.31 18.51
N GLU A 382 10.31 -7.04 19.33
CA GLU A 382 10.58 -6.48 20.65
C GLU A 382 11.36 -7.45 21.53
N GLU A 383 11.14 -8.75 21.39
CA GLU A 383 11.89 -9.72 22.18
C GLU A 383 13.39 -9.57 21.95
N VAL A 384 13.80 -9.31 20.71
CA VAL A 384 15.22 -9.22 20.39
C VAL A 384 15.79 -7.87 20.77
N ALA A 385 15.02 -6.80 20.57
CA ALA A 385 15.48 -5.48 20.97
C ALA A 385 15.65 -5.37 22.47
N ALA A 386 14.88 -6.15 23.24
CA ALA A 386 14.96 -6.08 24.70
C ALA A 386 16.25 -6.70 25.22
N LYS A 387 16.75 -7.74 24.57
CA LYS A 387 18.04 -8.31 24.93
C LYS A 387 19.21 -7.44 24.52
N GLU A 388 18.97 -6.44 23.68
CA GLU A 388 20.04 -5.66 23.06
C GLU A 388 20.03 -4.19 23.46
N PHE A 389 18.98 -3.70 24.11
CA PHE A 389 18.89 -2.31 24.50
C PHE A 389 18.32 -2.21 25.91
N GLU A 390 18.87 -1.29 26.70
CA GLU A 390 18.46 -1.14 28.08
C GLU A 390 16.97 -0.79 28.19
N LYS A 391 16.57 0.29 27.54
CA LYS A 391 15.18 0.75 27.55
C LYS A 391 14.59 0.58 26.16
N VAL A 392 13.49 -0.17 26.08
CA VAL A 392 12.77 -0.38 24.83
C VAL A 392 11.32 0.00 25.05
N ALA A 393 10.70 0.58 24.02
CA ALA A 393 9.31 0.99 24.06
C ALA A 393 8.57 0.40 22.87
N VAL A 394 7.30 0.09 23.06
CA VAL A 394 6.46 -0.51 22.03
C VAL A 394 5.22 0.36 21.87
N TYR A 395 5.05 0.93 20.67
CA TYR A 395 3.85 1.66 20.30
C TYR A 395 2.95 0.74 19.50
N MET A 396 1.71 0.58 19.94
CA MET A 396 0.83 -0.45 19.40
C MET A 396 -0.55 0.11 19.13
N SER A 397 -1.09 -0.21 17.96
CA SER A 397 -2.46 0.15 17.59
C SER A 397 -3.07 -1.03 16.86
N SER A 398 -4.28 -1.43 17.27
CA SER A 398 -4.96 -2.57 16.68
C SER A 398 -6.45 -2.30 16.65
N PHE A 399 -7.08 -2.63 15.53
CA PHE A 399 -8.48 -2.30 15.33
C PHE A 399 -8.97 -2.96 14.05
N THR A 400 -10.28 -3.15 13.97
CA THR A 400 -10.92 -3.60 12.74
C THR A 400 -11.24 -2.39 11.87
N PRO A 401 -10.64 -2.25 10.68
CA PRO A 401 -10.98 -1.11 9.83
C PRO A 401 -12.47 -0.99 9.58
N LEU A 402 -12.94 0.22 9.27
CA LEU A 402 -14.38 0.43 9.08
C LEU A 402 -14.90 -0.37 7.90
N MET A 403 -14.16 -0.39 6.78
CA MET A 403 -14.64 -1.10 5.60
C MET A 403 -14.95 -2.56 5.92
N HIS A 404 -14.26 -3.14 6.90
CA HIS A 404 -14.46 -4.54 7.25
C HIS A 404 -15.59 -4.73 8.25
N ASN A 405 -16.08 -3.66 8.86
CA ASN A 405 -17.38 -3.75 9.54
C ASN A 405 -18.49 -3.90 8.52
N ILE A 406 -18.47 -3.07 7.47
CA ILE A 406 -19.46 -3.15 6.41
C ILE A 406 -19.29 -4.44 5.62
N SER A 407 -18.05 -4.82 5.33
CA SER A 407 -17.79 -5.98 4.48
C SER A 407 -18.28 -7.27 5.11
N GLY A 408 -18.40 -7.33 6.42
CA GLY A 408 -18.76 -8.56 7.12
C GLY A 408 -17.58 -9.36 7.62
N SER A 409 -16.36 -8.92 7.34
CA SER A 409 -15.16 -9.60 7.84
C SER A 409 -14.63 -8.86 9.07
N LYS A 410 -15.42 -8.96 10.14
CA LYS A 410 -15.12 -8.23 11.37
C LYS A 410 -13.84 -8.75 12.03
N TYR A 411 -13.42 -9.97 11.71
CA TYR A 411 -12.23 -10.56 12.31
C TYR A 411 -10.94 -9.94 11.77
N LYS A 412 -11.01 -9.14 10.72
CA LYS A 412 -9.80 -8.63 10.07
C LYS A 412 -9.28 -7.41 10.81
N LYS A 413 -8.69 -7.68 11.97
CA LYS A 413 -8.10 -6.62 12.79
C LYS A 413 -6.76 -6.21 12.22
N PHE A 414 -6.60 -4.91 11.96
CA PHE A 414 -5.32 -4.36 11.56
C PHE A 414 -4.42 -4.22 12.78
N VAL A 415 -3.13 -4.40 12.57
CA VAL A 415 -2.15 -4.32 13.65
C VAL A 415 -0.96 -3.51 13.17
N ALA A 416 -0.67 -2.41 13.85
CA ALA A 416 0.55 -1.64 13.65
C ALA A 416 1.32 -1.61 14.96
N LYS A 417 2.61 -1.91 14.90
CA LYS A 417 3.46 -1.90 16.09
C LYS A 417 4.81 -1.30 15.73
N ILE A 418 5.29 -0.39 16.57
CA ILE A 418 6.57 0.28 16.37
C ILE A 418 7.43 0.05 17.62
N VAL A 419 8.62 -0.48 17.41
CA VAL A 419 9.56 -0.77 18.49
C VAL A 419 10.68 0.26 18.43
N THR A 420 11.01 0.84 19.59
CA THR A 420 12.01 1.89 19.66
C THR A 420 12.99 1.62 20.79
N ASN A 421 14.21 2.13 20.62
CA ASN A 421 15.12 2.34 21.74
C ASN A 421 14.67 3.61 22.45
N HIS A 422 14.11 3.46 23.65
CA HIS A 422 13.49 4.59 24.32
C HIS A 422 14.48 5.64 24.79
N SER A 423 15.78 5.34 24.82
CA SER A 423 16.74 6.31 25.32
C SER A 423 16.94 7.47 24.35
N ASP A 424 16.79 7.24 23.05
CA ASP A 424 16.84 8.31 22.07
C ASP A 424 15.72 8.25 21.04
N GLY A 425 14.82 7.28 21.12
CA GLY A 425 13.66 7.22 20.26
C GLY A 425 13.88 6.60 18.91
N THR A 426 15.08 6.12 18.61
CA THR A 426 15.34 5.50 17.32
C THR A 426 14.38 4.33 17.09
N VAL A 427 13.83 4.25 15.89
CA VAL A 427 12.93 3.17 15.52
C VAL A 427 13.77 1.95 15.16
N LEU A 428 13.55 0.85 15.87
CA LEU A 428 14.27 -0.40 15.61
C LEU A 428 13.48 -1.37 14.75
N GLY A 429 12.16 -1.30 14.76
CA GLY A 429 11.36 -2.23 13.98
C GLY A 429 9.94 -1.76 13.82
N VAL A 430 9.33 -2.15 12.70
CA VAL A 430 7.93 -1.86 12.40
C VAL A 430 7.30 -3.15 11.92
N HIS A 431 6.06 -3.41 12.35
CA HIS A 431 5.40 -4.68 12.06
C HIS A 431 3.94 -4.41 11.77
N LEU A 432 3.46 -4.92 10.63
CA LEU A 432 2.11 -4.63 10.15
C LEU A 432 1.38 -5.92 9.84
N LEU A 433 0.08 -5.92 10.12
CA LEU A 433 -0.82 -6.99 9.68
C LEU A 433 -2.08 -6.34 9.14
N GLY A 434 -2.42 -6.67 7.90
CA GLY A 434 -3.61 -6.15 7.27
C GLY A 434 -3.41 -5.82 5.81
N ASP A 435 -4.51 -5.61 5.09
CA ASP A 435 -4.43 -5.23 3.69
C ASP A 435 -3.43 -4.10 3.49
N GLY A 436 -2.59 -4.24 2.47
CA GLY A 436 -1.64 -3.21 2.12
C GLY A 436 -0.35 -3.21 2.91
N ALA A 437 -0.22 -4.08 3.91
CA ALA A 437 0.99 -4.07 4.74
C ALA A 437 2.26 -4.25 3.92
N PRO A 438 2.34 -5.16 2.95
CA PRO A 438 3.58 -5.26 2.16
C PRO A 438 3.92 -3.98 1.42
N GLU A 439 2.92 -3.25 0.92
CA GLU A 439 3.17 -2.01 0.20
C GLU A 439 3.53 -0.87 1.15
N ILE A 440 2.93 -0.85 2.34
CA ILE A 440 3.22 0.20 3.31
C ILE A 440 4.66 0.10 3.79
N ILE A 441 5.13 -1.13 4.06
CA ILE A 441 6.39 -1.29 4.77
C ILE A 441 7.60 -0.94 3.92
N GLN A 442 7.45 -0.86 2.59
CA GLN A 442 8.60 -0.63 1.74
C GLN A 442 9.34 0.65 2.12
N ALA A 443 8.65 1.79 2.05
CA ALA A 443 9.30 3.05 2.38
C ALA A 443 9.66 3.14 3.85
N VAL A 444 9.08 2.30 4.71
CA VAL A 444 9.50 2.24 6.10
C VAL A 444 10.95 1.77 6.17
N GLY A 445 11.39 0.94 5.23
CA GLY A 445 12.79 0.56 5.17
C GLY A 445 13.69 1.74 4.89
N VAL A 446 13.22 2.66 4.04
CA VAL A 446 13.97 3.90 3.80
C VAL A 446 14.06 4.71 5.09
N CYS A 447 12.96 4.76 5.84
CA CYS A 447 12.97 5.49 7.11
C CYS A 447 14.00 4.91 8.08
N LEU A 448 13.99 3.58 8.24
CA LEU A 448 14.93 2.95 9.15
C LEU A 448 16.37 3.09 8.65
N ARG A 449 16.57 3.11 7.33
CA ARG A 449 17.90 3.38 6.81
C ARG A 449 18.40 4.74 7.25
N LEU A 450 17.49 5.70 7.41
CA LEU A 450 17.83 7.04 7.87
C LEU A 450 17.80 7.16 9.39
N ASN A 451 17.72 6.04 10.10
CA ASN A 451 17.71 6.06 11.57
C ASN A 451 16.59 6.94 12.09
N ALA A 452 15.43 6.86 11.44
CA ALA A 452 14.29 7.66 11.84
C ALA A 452 13.93 7.37 13.30
N LYS A 453 13.42 8.39 13.98
CA LYS A 453 12.97 8.27 15.35
C LYS A 453 11.45 8.29 15.39
N ILE A 454 10.89 7.84 16.51
CA ILE A 454 9.44 7.79 16.65
C ILE A 454 8.84 9.15 16.36
N SER A 455 9.48 10.22 16.84
CA SER A 455 8.95 11.56 16.63
C SER A 455 8.92 11.92 15.15
N ASP A 456 9.87 11.42 14.37
CA ASP A 456 9.83 11.64 12.92
C ASP A 456 8.55 11.08 12.32
N PHE A 457 7.94 10.09 12.97
CA PHE A 457 6.72 9.48 12.44
C PHE A 457 5.48 10.26 12.83
N TYR A 458 5.29 10.56 14.11
CA TYR A 458 4.06 11.22 14.52
C TYR A 458 4.07 12.72 14.26
N ASN A 459 5.21 13.30 13.89
CA ASN A 459 5.26 14.68 13.43
C ASN A 459 5.13 14.78 11.92
N THR A 460 5.06 13.66 11.21
CA THR A 460 4.69 13.65 9.80
C THR A 460 3.19 13.71 9.67
N ILE A 461 2.71 14.56 8.77
CA ILE A 461 1.27 14.68 8.56
C ILE A 461 0.75 13.45 7.82
N GLY A 462 -0.37 12.93 8.28
CA GLY A 462 -0.87 11.68 7.76
C GLY A 462 -1.64 11.83 6.46
N VAL A 463 -1.79 10.71 5.77
CA VAL A 463 -2.64 10.60 4.59
C VAL A 463 -3.95 9.98 5.05
N HIS A 464 -5.06 10.66 4.80
CA HIS A 464 -6.35 10.24 5.31
C HIS A 464 -7.35 10.01 4.18
N PRO A 465 -8.11 8.91 4.23
CA PRO A 465 -8.08 7.76 5.13
C PRO A 465 -7.22 6.61 4.58
N THR A 466 -6.25 6.18 5.36
CA THR A 466 -5.41 5.04 5.00
C THR A 466 -5.15 4.22 6.25
N SER A 467 -4.72 2.97 6.03
CA SER A 467 -4.18 2.19 7.13
C SER A 467 -2.84 2.74 7.58
N ALA A 468 -2.02 3.20 6.62
CA ALA A 468 -0.65 3.61 6.92
C ALA A 468 -0.61 4.76 7.91
N GLU A 469 -1.60 5.65 7.89
CA GLU A 469 -1.53 6.85 8.74
C GLU A 469 -1.51 6.50 10.22
N GLU A 470 -1.91 5.27 10.59
CA GLU A 470 -1.78 4.86 11.98
C GLU A 470 -0.33 4.92 12.45
N LEU A 471 0.63 4.74 11.54
CA LEU A 471 2.03 4.81 11.90
C LEU A 471 2.46 6.20 12.32
N CYS A 472 1.67 7.22 11.98
CA CYS A 472 1.98 8.60 12.30
C CYS A 472 1.09 9.18 13.38
N SER A 473 0.33 8.34 14.09
CA SER A 473 -0.57 8.80 15.14
C SER A 473 -0.37 8.02 16.44
N MET A 474 0.82 7.43 16.63
CA MET A 474 1.18 6.78 17.88
C MET A 474 2.34 7.56 18.47
N ARG A 475 2.09 8.24 19.60
CA ARG A 475 3.12 9.05 20.24
C ARG A 475 3.36 8.71 21.70
N THR A 476 2.58 7.83 22.31
CA THR A 476 2.79 7.41 23.69
C THR A 476 3.00 5.90 23.72
N PRO A 477 4.11 5.41 24.27
CA PRO A 477 4.32 3.96 24.32
C PRO A 477 3.14 3.23 24.96
N SER A 478 2.82 2.05 24.43
CA SER A 478 1.82 1.20 25.05
C SER A 478 2.41 0.41 26.21
N TYR A 479 3.68 0.03 26.11
CA TYR A 479 4.39 -0.59 27.22
C TYR A 479 5.88 -0.52 26.94
N TYR A 480 6.68 -1.07 27.86
CA TYR A 480 8.12 -0.91 27.82
C TYR A 480 8.80 -2.25 28.09
N TYR A 481 10.10 -2.28 27.78
CA TYR A 481 11.00 -3.35 28.21
C TYR A 481 12.22 -2.69 28.85
N VAL A 482 12.35 -2.84 30.17
CA VAL A 482 13.48 -2.29 30.91
C VAL A 482 14.33 -3.45 31.38
N LYS A 483 15.61 -3.43 31.01
CA LYS A 483 16.53 -4.52 31.34
C LYS A 483 15.91 -5.88 30.98
N GLY A 484 15.19 -5.90 29.86
CA GLY A 484 14.57 -7.11 29.37
C GLY A 484 13.26 -7.47 30.03
N GLU A 485 12.75 -6.66 30.94
CA GLU A 485 11.54 -6.98 31.68
C GLU A 485 10.35 -6.18 31.13
N LYS A 486 9.24 -6.88 30.90
CA LYS A 486 8.05 -6.27 30.34
C LYS A 486 7.25 -5.57 31.44
N MET A 487 6.97 -4.29 31.23
CA MET A 487 6.17 -3.52 32.18
C MET A 487 5.41 -2.44 31.42
N GLU A 488 4.27 -2.04 31.98
CA GLU A 488 3.42 -1.06 31.30
C GLU A 488 3.92 0.37 31.50
N LYS A 489 4.39 0.69 32.70
CA LYS A 489 4.91 2.01 33.02
C LYS A 489 6.40 1.93 33.32
N LEU A 490 7.09 3.06 33.18
CA LEU A 490 8.51 3.10 33.49
C LEU A 490 8.73 3.22 35.00
N PRO A 491 9.90 2.78 35.49
CA PRO A 491 10.25 2.99 36.90
C PRO A 491 10.54 4.45 37.22
N ALA B 7 -17.93 32.56 31.05
CA ALA B 7 -17.23 32.81 29.80
C ALA B 7 -16.32 31.63 29.44
N PHE B 8 -15.96 31.54 28.17
CA PHE B 8 -15.17 30.42 27.66
C PHE B 8 -13.75 30.87 27.35
N ASP B 9 -12.78 30.02 27.69
CA ASP B 9 -11.41 30.25 27.24
C ASP B 9 -11.34 30.26 25.72
N LEU B 10 -12.24 29.54 25.05
CA LEU B 10 -12.20 29.38 23.62
C LEU B 10 -13.59 28.99 23.12
N VAL B 11 -14.01 29.63 22.03
CA VAL B 11 -15.22 29.24 21.30
C VAL B 11 -14.81 28.91 19.87
N VAL B 12 -15.21 27.73 19.40
CA VAL B 12 -14.89 27.26 18.06
C VAL B 12 -16.17 27.23 17.26
N ILE B 13 -16.17 27.91 16.12
CA ILE B 13 -17.28 27.87 15.16
C ILE B 13 -16.91 26.84 14.10
N GLY B 14 -17.58 25.70 14.14
CA GLY B 14 -17.28 24.61 13.22
C GLY B 14 -16.73 23.39 13.92
N ALA B 15 -17.55 22.36 14.06
CA ALA B 15 -17.14 21.12 14.72
C ALA B 15 -16.61 20.10 13.73
N GLY B 16 -15.63 20.50 12.93
CA GLY B 16 -15.06 19.66 11.91
C GLY B 16 -13.71 19.08 12.31
N SER B 17 -12.89 18.77 11.30
CA SER B 17 -11.61 18.13 11.55
C SER B 17 -10.70 19.02 12.39
N GLY B 18 -10.62 20.30 12.06
CA GLY B 18 -9.78 21.21 12.80
C GLY B 18 -10.43 21.70 14.09
N GLY B 19 -11.71 22.04 14.02
CA GLY B 19 -12.40 22.56 15.19
C GLY B 19 -12.42 21.58 16.35
N LEU B 20 -12.58 20.29 16.04
CA LEU B 20 -12.71 19.29 17.10
C LEU B 20 -11.38 18.94 17.72
N GLU B 21 -10.30 18.88 16.93
CA GLU B 21 -8.99 18.64 17.49
C GLU B 21 -8.58 19.78 18.42
N ALA B 22 -8.81 21.03 17.99
CA ALA B 22 -8.45 22.18 18.81
C ALA B 22 -9.28 22.23 20.09
N GLY B 23 -10.56 21.88 20.00
CA GLY B 23 -11.40 21.90 21.19
C GLY B 23 -11.06 20.80 22.17
N TRP B 24 -10.90 19.57 21.67
CA TRP B 24 -10.61 18.45 22.55
C TRP B 24 -9.28 18.64 23.27
N ASN B 25 -8.25 19.08 22.56
CA ASN B 25 -6.95 19.27 23.18
C ASN B 25 -7.02 20.36 24.25
N ALA B 26 -7.59 21.51 23.91
CA ALA B 26 -7.64 22.61 24.86
C ALA B 26 -8.42 22.23 26.12
N ALA B 27 -9.41 21.34 25.99
CA ALA B 27 -10.24 20.97 27.13
C ALA B 27 -9.64 19.83 27.94
N THR B 28 -9.10 18.80 27.27
CA THR B 28 -8.61 17.62 27.98
C THR B 28 -7.13 17.72 28.33
N LEU B 29 -6.34 18.46 27.54
CA LEU B 29 -4.92 18.61 27.83
C LEU B 29 -4.61 19.78 28.74
N TYR B 30 -5.47 20.81 28.76
CA TYR B 30 -5.21 22.03 29.50
C TYR B 30 -6.39 22.44 30.38
N GLY B 31 -7.41 21.61 30.52
CA GLY B 31 -8.53 21.92 31.39
C GLY B 31 -9.23 23.22 31.08
N LYS B 32 -9.16 23.69 29.84
CA LYS B 32 -9.80 24.95 29.48
C LYS B 32 -11.29 24.73 29.22
N ARG B 33 -12.04 25.81 29.36
CA ARG B 33 -13.48 25.81 29.10
C ARG B 33 -13.71 26.12 27.63
N VAL B 34 -14.34 25.19 26.92
CA VAL B 34 -14.46 25.27 25.47
C VAL B 34 -15.93 25.14 25.08
N ALA B 35 -16.33 25.90 24.07
CA ALA B 35 -17.63 25.74 23.42
C ALA B 35 -17.39 25.48 21.93
N VAL B 36 -18.28 24.67 21.34
CA VAL B 36 -18.16 24.28 19.94
C VAL B 36 -19.55 24.38 19.31
N VAL B 37 -19.63 25.01 18.14
CA VAL B 37 -20.89 25.29 17.46
C VAL B 37 -20.90 24.58 16.12
N ASP B 38 -22.00 23.90 15.82
CA ASP B 38 -22.21 23.34 14.49
C ASP B 38 -23.71 23.33 14.21
N VAL B 39 -24.06 23.32 12.91
CA VAL B 39 -25.44 23.51 12.50
C VAL B 39 -26.27 22.25 12.54
N GLN B 40 -25.65 21.08 12.71
CA GLN B 40 -26.38 19.82 12.79
C GLN B 40 -25.61 18.87 13.70
N THR B 41 -26.32 17.85 14.18
CA THR B 41 -25.72 16.83 15.02
C THR B 41 -25.47 15.52 14.28
N SER B 42 -26.08 15.34 13.10
CA SER B 42 -25.87 14.13 12.32
C SER B 42 -25.89 14.48 10.84
N HIS B 43 -25.25 13.62 10.05
CA HIS B 43 -25.07 13.83 8.63
C HIS B 43 -26.37 14.10 7.88
N GLY B 44 -26.28 14.76 6.73
CA GLY B 44 -27.37 14.77 5.77
C GLY B 44 -27.96 16.13 5.50
N PRO B 45 -28.85 16.20 4.51
CA PRO B 45 -29.61 17.42 4.21
C PRO B 45 -30.30 17.94 5.47
N PRO B 46 -30.60 19.25 5.53
CA PRO B 46 -30.37 20.26 4.51
C PRO B 46 -28.94 20.80 4.44
N PHE B 47 -28.17 20.63 5.51
CA PHE B 47 -26.85 21.27 5.62
C PHE B 47 -25.69 20.31 5.38
N TYR B 48 -25.97 19.00 5.29
CA TYR B 48 -25.00 18.01 4.83
C TYR B 48 -23.85 17.82 5.80
N ALA B 49 -22.95 18.80 5.90
CA ALA B 49 -21.93 18.74 6.93
C ALA B 49 -22.58 18.92 8.31
N ALA B 50 -21.94 18.37 9.33
CA ALA B 50 -22.51 18.40 10.67
C ALA B 50 -21.38 18.14 11.67
N LEU B 51 -21.77 17.84 12.91
CA LEU B 51 -20.82 17.39 13.91
C LEU B 51 -19.91 16.31 13.34
N GLY B 52 -18.62 16.59 13.31
CA GLY B 52 -17.66 15.71 12.67
C GLY B 52 -16.92 16.38 11.55
N GLY B 53 -17.63 17.21 10.78
CA GLY B 53 -17.02 17.99 9.71
C GLY B 53 -17.33 17.43 8.34
N THR B 54 -16.81 18.14 7.34
CA THR B 54 -17.00 17.71 5.96
C THR B 54 -16.46 16.31 5.73
N CYS B 55 -15.33 15.99 6.35
CA CYS B 55 -14.67 14.71 6.13
C CYS B 55 -15.52 13.55 6.66
N VAL B 56 -16.07 13.70 7.86
CA VAL B 56 -16.86 12.62 8.45
C VAL B 56 -18.17 12.43 7.71
N ASN B 57 -18.83 13.54 7.36
CA ASN B 57 -20.23 13.50 6.95
C ASN B 57 -20.42 13.46 5.44
N VAL B 58 -19.69 14.28 4.70
CA VAL B 58 -19.85 14.36 3.25
C VAL B 58 -18.48 14.55 2.61
N GLY B 59 -17.49 13.79 3.10
CA GLY B 59 -16.14 13.90 2.60
C GLY B 59 -15.37 12.60 2.60
N CYS B 60 -14.19 12.61 3.22
CA CYS B 60 -13.25 11.50 3.09
C CYS B 60 -13.89 10.16 3.45
N VAL B 61 -14.55 10.10 4.60
CA VAL B 61 -15.02 8.82 5.15
C VAL B 61 -16.04 8.18 4.22
N PRO B 62 -17.19 8.82 3.94
CA PRO B 62 -18.15 8.20 3.01
C PRO B 62 -17.60 8.07 1.59
N LYS B 63 -16.74 9.00 1.17
CA LYS B 63 -16.09 8.87 -0.13
C LYS B 63 -15.29 7.56 -0.21
N LYS B 64 -14.45 7.29 0.80
CA LYS B 64 -13.65 6.08 0.80
C LYS B 64 -14.53 4.84 0.75
N LEU B 65 -15.60 4.81 1.55
CA LEU B 65 -16.49 3.67 1.55
C LEU B 65 -17.11 3.44 0.18
N MET B 66 -17.51 4.50 -0.50
CA MET B 66 -18.21 4.35 -1.77
C MET B 66 -17.26 4.00 -2.91
N VAL B 67 -16.00 4.44 -2.82
CA VAL B 67 -15.00 4.01 -3.80
C VAL B 67 -14.70 2.52 -3.60
N THR B 68 -14.51 2.10 -2.35
CA THR B 68 -14.34 0.68 -2.07
C THR B 68 -15.44 -0.14 -2.72
N GLY B 69 -16.70 0.27 -2.51
CA GLY B 69 -17.81 -0.40 -3.16
C GLY B 69 -17.68 -0.41 -4.67
N ALA B 70 -17.19 0.68 -5.25
CA ALA B 70 -17.07 0.76 -6.70
C ALA B 70 -15.96 -0.13 -7.23
N GLN B 71 -14.89 -0.31 -6.45
CA GLN B 71 -13.79 -1.18 -6.89
C GLN B 71 -14.24 -2.61 -7.12
N TYR B 72 -15.34 -3.03 -6.49
CA TYR B 72 -15.82 -4.40 -6.67
C TYR B 72 -16.24 -4.67 -8.11
N MET B 73 -16.56 -3.63 -8.89
CA MET B 73 -16.83 -3.86 -10.30
C MET B 73 -15.61 -4.44 -11.00
N ASP B 74 -14.42 -3.92 -10.68
CA ASP B 74 -13.20 -4.46 -11.26
C ASP B 74 -12.89 -5.84 -10.70
N HIS B 75 -13.04 -6.02 -9.38
CA HIS B 75 -12.78 -7.33 -8.78
C HIS B 75 -13.61 -8.41 -9.44
N LEU B 76 -14.91 -8.19 -9.58
CA LEU B 76 -15.77 -9.20 -10.18
C LEU B 76 -15.30 -9.55 -11.59
N ARG B 77 -14.95 -8.53 -12.39
CA ARG B 77 -14.49 -8.78 -13.75
C ARG B 77 -13.13 -9.45 -13.77
N GLU B 78 -12.20 -8.97 -12.93
CA GLU B 78 -10.84 -9.49 -12.94
C GLU B 78 -10.74 -10.89 -12.35
N SER B 79 -11.72 -11.29 -11.52
CA SER B 79 -11.64 -12.60 -10.89
C SER B 79 -11.65 -13.73 -11.91
N ALA B 80 -12.23 -13.50 -13.09
CA ALA B 80 -12.30 -14.55 -14.10
C ALA B 80 -10.91 -14.93 -14.60
N GLY B 81 -9.98 -13.99 -14.63
CA GLY B 81 -8.61 -14.31 -15.02
C GLY B 81 -7.92 -15.26 -14.07
N PHE B 82 -8.49 -15.52 -12.90
CA PHE B 82 -7.92 -16.43 -11.91
C PHE B 82 -8.81 -17.64 -11.67
N GLY B 83 -9.76 -17.89 -12.58
CA GLY B 83 -10.55 -19.10 -12.55
C GLY B 83 -11.92 -18.97 -11.90
N TRP B 84 -12.26 -17.80 -11.37
CA TRP B 84 -13.54 -17.62 -10.71
C TRP B 84 -14.64 -17.37 -11.73
N GLU B 85 -15.79 -18.01 -11.52
CA GLU B 85 -16.95 -17.83 -12.37
C GLU B 85 -18.19 -17.68 -11.50
N PHE B 86 -19.20 -17.01 -12.06
CA PHE B 86 -20.48 -16.83 -11.40
C PHE B 86 -21.44 -16.26 -12.44
N ASP B 87 -22.73 -16.34 -12.12
CA ASP B 87 -23.77 -15.93 -13.05
C ASP B 87 -23.69 -14.43 -13.31
N GLY B 88 -22.98 -14.03 -14.36
CA GLY B 88 -22.79 -12.62 -14.64
C GLY B 88 -24.11 -11.87 -14.79
N SER B 89 -25.12 -12.52 -15.39
CA SER B 89 -26.39 -11.86 -15.63
C SER B 89 -27.18 -11.61 -14.35
N SER B 90 -26.82 -12.25 -13.24
CA SER B 90 -27.47 -12.00 -11.97
C SER B 90 -26.84 -10.86 -11.18
N VAL B 91 -25.80 -10.24 -11.72
CA VAL B 91 -25.05 -9.22 -10.99
C VAL B 91 -25.84 -7.92 -11.01
N LYS B 92 -26.06 -7.34 -9.83
CA LYS B 92 -26.67 -6.03 -9.69
C LYS B 92 -25.87 -5.22 -8.68
N ALA B 93 -25.62 -3.96 -9.00
CA ALA B 93 -24.97 -3.04 -8.08
C ALA B 93 -26.08 -2.25 -7.38
N ASN B 94 -26.36 -2.62 -6.14
CA ASN B 94 -27.47 -2.04 -5.39
C ASN B 94 -26.98 -0.76 -4.73
N TRP B 95 -27.30 0.38 -5.35
CA TRP B 95 -26.87 1.68 -4.84
C TRP B 95 -27.56 2.01 -3.53
N LYS B 96 -28.85 1.67 -3.40
CA LYS B 96 -29.59 2.02 -2.19
C LYS B 96 -29.03 1.34 -0.96
N LYS B 97 -28.44 0.14 -1.12
CA LYS B 97 -27.83 -0.53 0.02
C LYS B 97 -26.48 0.10 0.37
N LEU B 98 -25.70 0.47 -0.65
CA LEU B 98 -24.44 1.17 -0.40
C LEU B 98 -24.67 2.41 0.44
N ILE B 99 -25.65 3.24 0.05
CA ILE B 99 -25.90 4.49 0.76
C ILE B 99 -26.38 4.20 2.18
N ALA B 100 -27.24 3.19 2.34
CA ALA B 100 -27.71 2.82 3.67
C ALA B 100 -26.56 2.39 4.56
N ALA B 101 -25.61 1.63 4.02
CA ALA B 101 -24.46 1.21 4.81
C ALA B 101 -23.56 2.39 5.12
N LYS B 102 -23.35 3.27 4.15
CA LYS B 102 -22.60 4.50 4.41
C LYS B 102 -23.30 5.34 5.47
N ASN B 103 -24.61 5.54 5.32
CA ASN B 103 -25.34 6.38 6.26
C ASN B 103 -25.18 5.87 7.69
N GLU B 104 -25.29 4.56 7.88
CA GLU B 104 -25.18 4.02 9.23
C GLU B 104 -23.77 4.13 9.78
N ALA B 105 -22.76 4.01 8.91
CA ALA B 105 -21.38 4.18 9.36
C ALA B 105 -21.11 5.63 9.78
N VAL B 106 -21.64 6.59 9.02
CA VAL B 106 -21.44 7.99 9.37
C VAL B 106 -22.21 8.34 10.63
N LEU B 107 -23.46 7.89 10.73
CA LEU B 107 -24.25 8.20 11.92
C LEU B 107 -23.60 7.67 13.19
N ASP B 108 -22.93 6.53 13.11
CA ASP B 108 -22.22 6.02 14.28
C ASP B 108 -21.13 6.98 14.73
N ILE B 109 -20.42 7.60 13.77
CA ILE B 109 -19.43 8.60 14.11
C ILE B 109 -20.09 9.84 14.70
N ASN B 110 -21.23 10.25 14.13
CA ASN B 110 -21.97 11.37 14.70
C ASN B 110 -22.30 11.12 16.17
N LYS B 111 -22.75 9.90 16.49
CA LYS B 111 -23.16 9.60 17.85
C LYS B 111 -21.97 9.59 18.80
N SER B 112 -20.83 9.08 18.36
CA SER B 112 -19.69 8.98 19.27
C SER B 112 -19.12 10.35 19.60
N TYR B 113 -19.14 11.28 18.64
CA TYR B 113 -18.79 12.66 18.96
C TYR B 113 -19.81 13.27 19.91
N GLU B 114 -21.10 12.99 19.67
CA GLU B 114 -22.15 13.40 20.60
C GLU B 114 -21.83 12.93 22.02
N GLY B 115 -21.46 11.65 22.16
CA GLY B 115 -21.11 11.14 23.47
C GLY B 115 -19.85 11.79 24.03
N MET B 116 -18.90 12.11 23.16
CA MET B 116 -17.68 12.77 23.61
C MET B 116 -17.99 14.06 24.35
N PHE B 117 -18.88 14.88 23.78
CA PHE B 117 -19.23 16.14 24.41
C PHE B 117 -19.94 15.92 25.74
N ASN B 118 -20.75 14.87 25.83
CA ASN B 118 -21.55 14.63 27.03
C ASN B 118 -20.73 14.03 28.17
N ASP B 119 -19.49 13.60 27.91
CA ASP B 119 -18.67 12.96 28.93
C ASP B 119 -17.37 13.71 29.18
N THR B 120 -17.21 14.91 28.64
CA THR B 120 -16.00 15.71 28.81
C THR B 120 -16.37 17.03 29.47
N GLU B 121 -15.90 17.22 30.70
CA GLU B 121 -16.12 18.50 31.38
C GLU B 121 -15.27 19.58 30.72
N GLY B 122 -15.83 20.78 30.60
CA GLY B 122 -15.16 21.85 29.92
C GLY B 122 -15.23 21.78 28.41
N LEU B 123 -16.12 20.95 27.86
CA LEU B 123 -16.27 20.81 26.41
C LEU B 123 -17.76 20.68 26.12
N ASP B 124 -18.37 21.76 25.63
CA ASP B 124 -19.80 21.82 25.41
C ASP B 124 -20.10 22.10 23.95
N PHE B 125 -21.23 21.58 23.49
CA PHE B 125 -21.66 21.71 22.10
C PHE B 125 -22.93 22.55 22.04
N PHE B 126 -22.99 23.45 21.05
CA PHE B 126 -24.14 24.32 20.85
C PHE B 126 -24.63 24.17 19.42
N LEU B 127 -25.88 23.74 19.26
CA LEU B 127 -26.48 23.57 17.95
C LEU B 127 -26.95 24.92 17.42
N GLY B 128 -26.41 25.35 16.30
CA GLY B 128 -26.86 26.56 15.67
C GLY B 128 -25.80 27.15 14.76
N TRP B 129 -26.09 28.34 14.26
CA TRP B 129 -25.23 29.06 13.34
C TRP B 129 -24.43 30.11 14.09
N GLY B 130 -23.12 29.96 14.09
CA GLY B 130 -22.25 30.90 14.78
C GLY B 130 -21.84 32.06 13.90
N SER B 131 -21.63 33.21 14.53
CA SER B 131 -21.20 34.41 13.82
C SER B 131 -20.55 35.36 14.82
N LEU B 132 -19.77 36.29 14.28
CA LEU B 132 -19.04 37.26 15.08
C LEU B 132 -19.95 38.45 15.36
N GLU B 133 -20.30 38.65 16.63
CA GLU B 133 -20.98 39.87 17.03
C GLU B 133 -20.00 40.96 17.44
N SER B 134 -18.84 40.57 17.94
CA SER B 134 -17.78 41.52 18.31
C SER B 134 -16.50 40.72 18.51
N LYS B 135 -15.45 41.42 18.91
CA LYS B 135 -14.14 40.79 19.09
C LYS B 135 -14.18 39.68 20.16
N ASN B 136 -15.24 39.65 20.98
CA ASN B 136 -15.28 38.75 22.12
C ASN B 136 -16.61 38.01 22.27
N VAL B 137 -17.49 38.06 21.27
CA VAL B 137 -18.82 37.46 21.39
C VAL B 137 -19.13 36.70 20.11
N VAL B 138 -19.47 35.43 20.25
CA VAL B 138 -20.00 34.61 19.16
C VAL B 138 -21.48 34.40 19.44
N VAL B 139 -22.32 34.87 18.52
CA VAL B 139 -23.76 34.69 18.64
C VAL B 139 -24.16 33.43 17.87
N VAL B 140 -25.11 32.69 18.43
CA VAL B 140 -25.64 31.48 17.81
C VAL B 140 -27.10 31.76 17.47
N ARG B 141 -27.40 31.78 16.18
CA ARG B 141 -28.76 32.02 15.69
C ARG B 141 -29.36 30.71 15.19
N GLU B 142 -30.67 30.74 14.93
CA GLU B 142 -31.35 29.53 14.49
C GLU B 142 -31.01 29.18 13.05
N THR B 143 -30.67 30.16 12.22
CA THR B 143 -30.37 29.92 10.82
C THR B 143 -29.24 30.83 10.39
N ALA B 144 -28.75 30.60 9.16
CA ALA B 144 -27.71 31.45 8.59
C ALA B 144 -28.19 32.88 8.41
N ASP B 145 -29.49 33.11 8.41
CA ASP B 145 -30.04 34.45 8.31
C ASP B 145 -29.57 35.28 9.51
N PRO B 146 -28.88 36.40 9.30
CA PRO B 146 -28.45 37.22 10.45
C PRO B 146 -29.62 37.76 11.26
N LYS B 147 -30.83 37.75 10.71
CA LYS B 147 -32.00 38.24 11.41
C LYS B 147 -32.81 37.14 12.08
N SER B 148 -32.34 35.90 12.03
CA SER B 148 -33.07 34.81 12.66
C SER B 148 -32.89 34.87 14.18
N ALA B 149 -33.75 34.15 14.88
CA ALA B 149 -33.78 34.23 16.33
C ALA B 149 -32.44 33.82 16.94
N VAL B 150 -32.09 34.47 18.03
CA VAL B 150 -30.86 34.17 18.76
C VAL B 150 -31.12 33.04 19.74
N LYS B 151 -30.19 32.11 19.82
CA LYS B 151 -30.24 31.03 20.80
C LYS B 151 -29.20 31.17 21.90
N GLU B 152 -28.04 31.73 21.58
CA GLU B 152 -26.95 31.87 22.52
C GLU B 152 -26.12 33.09 22.15
N ARG B 153 -25.37 33.59 23.13
CA ARG B 153 -24.34 34.60 22.89
C ARG B 153 -23.15 34.18 23.75
N LEU B 154 -22.15 33.58 23.12
CA LEU B 154 -21.05 32.95 23.84
C LEU B 154 -19.92 33.96 24.03
N GLN B 155 -19.55 34.19 25.30
CA GLN B 155 -18.44 35.07 25.63
C GLN B 155 -17.14 34.28 25.53
N ALA B 156 -16.16 34.84 24.82
CA ALA B 156 -14.95 34.09 24.48
C ALA B 156 -13.72 34.96 24.63
N ASP B 157 -12.71 34.43 25.32
CA ASP B 157 -11.40 35.06 25.35
C ASP B 157 -10.62 34.79 24.06
N HIS B 158 -10.93 33.68 23.40
CA HIS B 158 -10.36 33.35 22.10
C HIS B 158 -11.45 32.78 21.21
N ILE B 159 -11.44 33.16 19.94
CA ILE B 159 -12.40 32.68 18.95
C ILE B 159 -11.63 32.01 17.83
N LEU B 160 -12.07 30.82 17.44
CA LEU B 160 -11.44 30.04 16.38
C LEU B 160 -12.43 29.88 15.23
N LEU B 161 -12.04 30.36 14.06
CA LEU B 161 -12.82 30.17 12.84
C LEU B 161 -12.38 28.88 12.17
N ALA B 162 -13.28 27.91 12.09
CA ALA B 162 -12.97 26.63 11.47
C ALA B 162 -14.23 26.07 10.81
N THR B 163 -14.83 26.86 9.93
CA THR B 163 -16.08 26.49 9.29
C THR B 163 -15.87 25.74 7.97
N GLY B 164 -14.63 25.52 7.55
CA GLY B 164 -14.37 24.72 6.38
C GLY B 164 -14.59 25.48 5.08
N SER B 165 -15.01 24.74 4.06
CA SER B 165 -15.25 25.28 2.73
C SER B 165 -16.58 24.75 2.21
N TRP B 166 -16.96 25.21 1.01
CA TRP B 166 -18.26 24.93 0.43
C TRP B 166 -18.09 24.79 -1.08
N PRO B 167 -18.86 23.93 -1.74
CA PRO B 167 -18.66 23.75 -3.18
C PRO B 167 -18.94 25.02 -3.97
N GLN B 168 -18.14 25.23 -4.99
CA GLN B 168 -18.28 26.37 -5.90
C GLN B 168 -19.25 26.02 -7.03
N MET B 169 -20.12 26.96 -7.36
CA MET B 169 -21.11 26.75 -8.41
C MET B 169 -21.02 27.91 -9.41
N PRO B 170 -20.94 27.63 -10.70
CA PRO B 170 -20.85 28.71 -11.68
C PRO B 170 -22.19 29.38 -11.91
N ALA B 171 -22.13 30.64 -12.34
CA ALA B 171 -23.33 31.43 -12.59
C ALA B 171 -23.77 31.22 -14.04
N ILE B 172 -24.51 30.14 -14.24
CA ILE B 172 -25.10 29.84 -15.55
C ILE B 172 -26.60 29.68 -15.38
N PRO B 173 -27.41 29.94 -16.40
CA PRO B 173 -28.85 29.66 -16.30
C PRO B 173 -29.10 28.19 -16.10
N GLY B 174 -29.96 27.87 -15.13
CA GLY B 174 -30.27 26.49 -14.81
C GLY B 174 -29.33 25.84 -13.82
N ILE B 175 -28.46 26.62 -13.16
CA ILE B 175 -27.54 26.02 -12.19
C ILE B 175 -28.30 25.33 -11.07
N GLU B 176 -29.53 25.77 -10.80
CA GLU B 176 -30.31 25.15 -9.73
C GLU B 176 -30.59 23.68 -10.00
N HIS B 177 -30.58 23.26 -11.26
CA HIS B 177 -30.80 21.86 -11.60
C HIS B 177 -29.55 21.00 -11.47
N CYS B 178 -28.43 21.60 -11.07
CA CYS B 178 -27.18 20.88 -10.89
C CYS B 178 -26.93 20.65 -9.40
N ILE B 179 -26.21 19.57 -9.10
CA ILE B 179 -25.89 19.22 -7.74
C ILE B 179 -24.40 19.41 -7.50
N SER B 180 -23.99 19.34 -6.24
CA SER B 180 -22.60 19.26 -5.85
C SER B 180 -22.36 17.90 -5.19
N SER B 181 -21.15 17.70 -4.66
CA SER B 181 -20.84 16.45 -3.98
C SER B 181 -21.76 16.22 -2.80
N ASN B 182 -22.23 17.30 -2.16
CA ASN B 182 -23.13 17.16 -1.02
C ASN B 182 -24.34 16.31 -1.37
N GLU B 183 -25.05 16.67 -2.45
CA GLU B 183 -26.27 15.96 -2.80
C GLU B 183 -25.97 14.59 -3.41
N ALA B 184 -24.79 14.42 -4.01
CA ALA B 184 -24.45 13.13 -4.61
C ALA B 184 -24.43 12.02 -3.57
N PHE B 185 -24.10 12.35 -2.32
CA PHE B 185 -24.10 11.36 -1.26
C PHE B 185 -25.50 10.89 -0.89
N TYR B 186 -26.56 11.50 -1.44
CA TYR B 186 -27.92 11.20 -1.02
C TYR B 186 -28.87 11.03 -2.21
N LEU B 187 -28.35 10.84 -3.41
CA LEU B 187 -29.21 10.57 -4.54
C LEU B 187 -30.04 9.32 -4.26
N PRO B 188 -31.36 9.38 -4.39
CA PRO B 188 -32.17 8.19 -4.07
C PRO B 188 -31.90 7.02 -5.01
N GLU B 189 -31.55 7.29 -6.26
CA GLU B 189 -31.23 6.24 -7.22
C GLU B 189 -29.89 6.53 -7.87
N PRO B 190 -29.19 5.51 -8.34
CA PRO B 190 -27.95 5.74 -9.08
C PRO B 190 -28.24 6.27 -10.47
N PRO B 191 -27.62 7.36 -10.88
CA PRO B 191 -27.93 7.91 -12.20
C PRO B 191 -27.46 7.00 -13.32
N ARG B 192 -28.32 6.86 -14.34
CA ARG B 192 -27.92 6.13 -15.54
C ARG B 192 -26.96 6.96 -16.38
N ARG B 193 -27.21 8.25 -16.49
CA ARG B 193 -26.35 9.18 -17.22
C ARG B 193 -25.99 10.32 -16.27
N VAL B 194 -24.69 10.54 -16.08
CA VAL B 194 -24.20 11.58 -15.19
C VAL B 194 -23.09 12.35 -15.89
N LEU B 195 -23.04 13.65 -15.64
CA LEU B 195 -21.95 14.51 -16.08
C LEU B 195 -21.34 15.17 -14.86
N THR B 196 -20.08 14.85 -14.58
CA THR B 196 -19.33 15.50 -13.52
C THR B 196 -18.51 16.62 -14.13
N VAL B 197 -18.64 17.82 -13.57
CA VAL B 197 -18.02 19.03 -14.11
C VAL B 197 -16.79 19.35 -13.27
N GLY B 198 -15.63 19.41 -13.91
CA GLY B 198 -14.40 19.74 -13.22
C GLY B 198 -13.27 18.77 -13.48
N GLY B 199 -12.04 19.18 -13.18
CA GLY B 199 -10.88 18.33 -13.38
C GLY B 199 -10.24 17.89 -12.08
N GLY B 200 -10.78 18.35 -10.95
CA GLY B 200 -10.20 18.07 -9.66
C GLY B 200 -10.53 16.69 -9.14
N PHE B 201 -10.02 16.40 -7.94
CA PHE B 201 -10.08 15.05 -7.40
C PHE B 201 -11.50 14.61 -7.08
N ILE B 202 -12.37 15.56 -6.72
CA ILE B 202 -13.75 15.19 -6.38
C ILE B 202 -14.49 14.71 -7.61
N SER B 203 -14.31 15.38 -8.74
CA SER B 203 -15.00 14.98 -9.97
C SER B 203 -14.50 13.62 -10.45
N VAL B 204 -13.20 13.38 -10.38
CA VAL B 204 -12.65 12.09 -10.80
C VAL B 204 -13.14 10.98 -9.90
N GLU B 205 -13.08 11.20 -8.58
CA GLU B 205 -13.46 10.15 -7.64
C GLU B 205 -14.93 9.77 -7.80
N PHE B 206 -15.81 10.75 -7.93
CA PHE B 206 -17.23 10.45 -8.09
C PHE B 206 -17.54 9.90 -9.48
N ALA B 207 -16.73 10.20 -10.48
CA ALA B 207 -16.91 9.58 -11.78
C ALA B 207 -16.71 8.07 -11.69
N GLY B 208 -15.68 7.63 -10.96
CA GLY B 208 -15.48 6.21 -10.74
C GLY B 208 -16.61 5.58 -9.94
N ILE B 209 -17.11 6.29 -8.93
CA ILE B 209 -18.21 5.77 -8.13
C ILE B 209 -19.44 5.57 -8.99
N PHE B 210 -19.83 6.60 -9.76
CA PHE B 210 -21.01 6.50 -10.60
C PHE B 210 -20.83 5.46 -11.71
N ASN B 211 -19.61 5.30 -12.19
CA ASN B 211 -19.36 4.34 -13.27
C ASN B 211 -19.63 2.92 -12.81
N ALA B 212 -19.44 2.63 -11.52
CA ALA B 212 -19.61 1.27 -11.03
C ALA B 212 -21.06 0.95 -10.72
N TYR B 213 -21.84 1.92 -10.24
CA TYR B 213 -23.20 1.65 -9.78
C TYR B 213 -24.27 2.09 -10.77
N LYS B 214 -23.89 2.54 -11.96
CA LYS B 214 -24.87 3.00 -12.92
C LYS B 214 -25.70 1.83 -13.42
N PRO B 215 -27.01 2.00 -13.61
CA PRO B 215 -27.83 0.90 -14.12
C PRO B 215 -27.49 0.58 -15.57
N PRO B 216 -28.01 -0.52 -16.10
CA PRO B 216 -27.68 -0.89 -17.48
C PRO B 216 -28.04 0.21 -18.47
N GLY B 217 -27.20 0.35 -19.50
CA GLY B 217 -27.35 1.42 -20.46
C GLY B 217 -26.78 2.75 -20.02
N GLY B 218 -25.94 2.76 -18.97
CA GLY B 218 -25.46 4.00 -18.41
C GLY B 218 -24.18 4.50 -19.03
N LYS B 219 -23.88 5.76 -18.75
CA LYS B 219 -22.69 6.42 -19.26
C LYS B 219 -22.30 7.54 -18.32
N VAL B 220 -21.04 7.54 -17.88
CA VAL B 220 -20.48 8.63 -17.09
C VAL B 220 -19.65 9.49 -18.01
N THR B 221 -19.97 10.78 -18.08
CA THR B 221 -19.16 11.74 -18.80
C THR B 221 -18.53 12.71 -17.82
N LEU B 222 -17.25 13.00 -18.02
CA LEU B 222 -16.53 14.01 -17.25
C LEU B 222 -16.07 15.08 -18.22
N CYS B 223 -16.34 16.34 -17.88
CA CYS B 223 -15.93 17.46 -18.71
C CYS B 223 -15.05 18.42 -17.90
N TYR B 224 -14.13 19.07 -18.60
CA TYR B 224 -13.18 19.98 -18.00
C TYR B 224 -12.88 21.10 -19.00
N ARG B 225 -12.79 22.33 -18.51
CA ARG B 225 -12.73 23.48 -19.41
C ARG B 225 -11.39 23.59 -20.12
N ASN B 226 -10.31 23.04 -19.56
CA ASN B 226 -9.00 23.09 -20.20
C ASN B 226 -8.65 21.71 -20.77
N ASN B 227 -7.37 21.55 -21.14
CA ASN B 227 -6.96 20.45 -22.00
C ASN B 227 -6.65 19.15 -21.25
N LEU B 228 -6.30 19.22 -19.96
CA LEU B 228 -5.87 18.04 -19.22
C LEU B 228 -6.36 18.12 -17.78
N ILE B 229 -7.00 17.06 -17.32
CA ILE B 229 -7.63 17.03 -16.00
C ILE B 229 -6.59 16.98 -14.89
N LEU B 230 -7.05 17.04 -13.64
CA LEU B 230 -6.20 16.90 -12.46
C LEU B 230 -5.01 17.86 -12.52
N ARG B 231 -5.31 19.10 -12.88
CA ARG B 231 -4.31 20.17 -12.85
C ARG B 231 -3.68 20.28 -11.46
N GLY B 232 -2.36 20.42 -11.43
CA GLY B 232 -1.62 20.48 -10.20
C GLY B 232 -0.97 19.19 -9.77
N PHE B 233 -1.34 18.07 -10.39
CA PHE B 233 -0.68 16.80 -10.16
C PHE B 233 0.38 16.56 -11.23
N ASP B 234 1.25 15.59 -10.98
CA ASP B 234 2.28 15.22 -11.95
C ASP B 234 1.66 14.97 -13.31
N GLU B 235 2.31 15.49 -14.36
CA GLU B 235 1.69 15.48 -15.68
C GLU B 235 1.68 14.09 -16.29
N THR B 236 2.71 13.27 -16.03
CA THR B 236 2.67 11.90 -16.49
C THR B 236 1.47 11.17 -15.91
N ILE B 237 1.21 11.36 -14.61
CA ILE B 237 0.06 10.74 -13.97
C ILE B 237 -1.24 11.29 -14.54
N ARG B 238 -1.29 12.60 -14.82
CA ARG B 238 -2.50 13.19 -15.35
C ARG B 238 -2.90 12.55 -16.68
N GLU B 239 -1.92 12.35 -17.57
CA GLU B 239 -2.22 11.74 -18.86
C GLU B 239 -2.54 10.26 -18.72
N GLU B 240 -1.90 9.57 -17.78
CA GLU B 240 -2.12 8.14 -17.63
C GLU B 240 -3.47 7.85 -16.97
N VAL B 241 -3.85 8.64 -15.97
CA VAL B 241 -5.15 8.43 -15.33
C VAL B 241 -6.28 8.72 -16.31
N THR B 242 -6.12 9.74 -17.15
CA THR B 242 -7.09 10.00 -18.21
C THR B 242 -7.29 8.76 -19.07
N LYS B 243 -6.20 8.10 -19.45
CA LYS B 243 -6.30 6.92 -20.29
C LYS B 243 -7.01 5.77 -19.57
N GLN B 244 -6.63 5.53 -18.31
CA GLN B 244 -7.17 4.38 -17.60
C GLN B 244 -8.63 4.59 -17.20
N LEU B 245 -9.05 5.84 -16.98
CA LEU B 245 -10.47 6.12 -16.81
C LEU B 245 -11.23 5.79 -18.09
N THR B 246 -10.72 6.27 -19.22
CA THR B 246 -11.32 5.96 -20.51
C THR B 246 -11.40 4.45 -20.73
N ALA B 247 -10.35 3.72 -20.35
CA ALA B 247 -10.34 2.28 -20.53
C ALA B 247 -11.47 1.60 -19.76
N ASN B 248 -11.96 2.22 -18.70
CA ASN B 248 -13.02 1.63 -17.88
C ASN B 248 -14.39 2.21 -18.18
N GLY B 249 -14.54 2.93 -19.30
CA GLY B 249 -15.83 3.33 -19.79
C GLY B 249 -16.21 4.78 -19.54
N ILE B 250 -15.39 5.53 -18.79
CA ILE B 250 -15.72 6.93 -18.51
C ILE B 250 -15.35 7.78 -19.71
N GLU B 251 -16.27 8.63 -20.14
CA GLU B 251 -16.03 9.57 -21.23
C GLU B 251 -15.46 10.86 -20.64
N ILE B 252 -14.26 11.23 -21.09
CA ILE B 252 -13.58 12.42 -20.62
C ILE B 252 -13.68 13.46 -21.73
N MET B 253 -14.21 14.63 -21.39
CA MET B 253 -14.63 15.65 -22.34
C MET B 253 -13.90 16.95 -22.03
N THR B 254 -12.66 17.05 -22.51
CA THR B 254 -11.83 18.20 -22.20
C THR B 254 -12.12 19.36 -23.16
N ASN B 255 -11.71 20.56 -22.73
CA ASN B 255 -11.95 21.79 -23.49
C ASN B 255 -13.43 22.04 -23.72
N GLU B 256 -14.27 21.63 -22.76
CA GLU B 256 -15.70 21.85 -22.82
C GLU B 256 -16.18 22.39 -21.48
N ASN B 257 -17.30 23.11 -21.52
CA ASN B 257 -17.82 23.76 -20.33
C ASN B 257 -19.32 24.00 -20.48
N PRO B 258 -20.14 23.66 -19.49
CA PRO B 258 -21.59 23.91 -19.61
C PRO B 258 -21.91 25.39 -19.65
N ALA B 259 -22.89 25.74 -20.49
CA ALA B 259 -23.39 27.11 -20.62
C ALA B 259 -24.80 27.29 -20.07
N LYS B 260 -25.72 26.38 -20.36
CA LYS B 260 -27.04 26.41 -19.74
C LYS B 260 -27.51 24.99 -19.48
N VAL B 261 -28.48 24.87 -18.57
CA VAL B 261 -29.10 23.59 -18.25
C VAL B 261 -30.60 23.82 -18.12
N SER B 262 -31.37 22.99 -18.81
CA SER B 262 -32.83 23.01 -18.72
C SER B 262 -33.32 21.61 -18.39
N LEU B 263 -34.59 21.52 -17.98
CA LEU B 263 -35.21 20.24 -17.66
C LEU B 263 -35.94 19.71 -18.88
N ASN B 264 -35.70 18.44 -19.20
CA ASN B 264 -36.53 17.74 -20.17
C ASN B 264 -37.84 17.33 -19.51
N THR B 265 -38.81 16.96 -20.34
CA THR B 265 -40.14 16.66 -19.85
C THR B 265 -40.17 15.46 -18.91
N ASP B 266 -39.11 14.66 -18.86
CA ASP B 266 -39.05 13.50 -17.98
C ASP B 266 -38.28 13.77 -16.69
N GLY B 267 -37.75 14.98 -16.51
CA GLY B 267 -36.99 15.31 -15.33
C GLY B 267 -35.50 15.26 -15.51
N SER B 268 -35.02 14.73 -16.64
CA SER B 268 -33.60 14.77 -16.94
C SER B 268 -33.21 16.18 -17.38
N LYS B 269 -31.91 16.39 -17.47
CA LYS B 269 -31.36 17.68 -17.77
C LYS B 269 -30.73 17.79 -19.14
N HIS B 270 -31.05 18.86 -19.84
CA HIS B 270 -30.47 19.12 -21.15
C HIS B 270 -29.32 20.11 -20.96
N VAL B 271 -28.10 19.66 -21.23
CA VAL B 271 -26.91 20.46 -21.01
C VAL B 271 -26.45 21.01 -22.36
N THR B 272 -26.31 22.33 -22.44
CA THR B 272 -25.69 22.99 -23.57
C THR B 272 -24.32 23.48 -23.15
N PHE B 273 -23.31 23.14 -23.94
CA PHE B 273 -21.94 23.59 -23.67
C PHE B 273 -21.66 24.89 -24.41
N GLU B 274 -20.63 25.60 -23.95
CA GLU B 274 -20.23 26.83 -24.62
C GLU B 274 -19.92 26.59 -26.09
N SER B 275 -19.41 25.41 -26.43
CA SER B 275 -19.07 25.07 -27.80
C SER B 275 -20.28 24.70 -28.63
N GLY B 276 -21.50 24.80 -28.08
CA GLY B 276 -22.69 24.43 -28.79
C GLY B 276 -23.09 22.97 -28.63
N LYS B 277 -22.16 22.11 -28.24
CA LYS B 277 -22.49 20.71 -28.02
C LYS B 277 -23.57 20.58 -26.96
N THR B 278 -24.35 19.49 -27.05
CA THR B 278 -25.43 19.23 -26.12
C THR B 278 -25.30 17.82 -25.57
N LEU B 279 -25.80 17.63 -24.36
CA LEU B 279 -25.78 16.32 -23.71
C LEU B 279 -26.97 16.22 -22.77
N ASP B 280 -27.69 15.11 -22.84
CA ASP B 280 -28.78 14.83 -21.91
C ASP B 280 -28.27 13.84 -20.86
N VAL B 281 -28.46 14.18 -19.59
CA VAL B 281 -28.05 13.34 -18.47
C VAL B 281 -29.13 13.36 -17.40
N ASP B 282 -29.01 12.46 -16.45
CA ASP B 282 -29.92 12.41 -15.31
C ASP B 282 -29.41 13.24 -14.15
N VAL B 283 -28.09 13.36 -14.01
CA VAL B 283 -27.47 14.14 -12.94
C VAL B 283 -26.35 14.97 -13.55
N VAL B 284 -26.21 16.20 -13.09
CA VAL B 284 -25.09 17.06 -13.41
C VAL B 284 -24.47 17.49 -12.08
N MET B 285 -23.27 16.98 -11.79
CA MET B 285 -22.59 17.26 -10.54
C MET B 285 -21.51 18.29 -10.78
N MET B 286 -21.70 19.48 -10.22
CA MET B 286 -20.67 20.52 -10.28
C MET B 286 -19.61 20.25 -9.23
N ALA B 287 -18.38 20.02 -9.68
CA ALA B 287 -17.23 19.85 -8.79
C ALA B 287 -16.06 20.64 -9.36
N ILE B 288 -16.28 21.95 -9.51
CA ILE B 288 -15.28 22.84 -10.11
C ILE B 288 -14.39 23.50 -9.08
N GLY B 289 -14.65 23.32 -7.79
CA GLY B 289 -13.81 23.91 -6.76
C GLY B 289 -14.53 23.95 -5.43
N ARG B 290 -13.74 24.21 -4.42
CA ARG B 290 -14.21 24.44 -3.06
C ARG B 290 -13.73 25.87 -2.64
N ILE B 291 -14.61 26.76 -2.15
CA ILE B 291 -14.33 28.15 -1.71
C ILE B 291 -14.46 28.21 -0.17
N PRO B 292 -13.73 29.10 0.53
CA PRO B 292 -13.82 29.21 1.96
C PRO B 292 -15.22 29.64 2.37
N ARG B 293 -15.67 29.08 3.46
CA ARG B 293 -17.04 29.31 3.92
C ARG B 293 -17.01 30.45 4.94
N THR B 294 -17.22 31.67 4.45
CA THR B 294 -17.08 32.87 5.26
C THR B 294 -18.31 33.77 5.28
N ASN B 295 -19.25 33.60 4.34
CA ASN B 295 -20.31 34.58 4.16
C ASN B 295 -21.31 34.60 5.31
N ASP B 296 -21.37 33.55 6.13
CA ASP B 296 -22.32 33.50 7.24
C ASP B 296 -21.73 33.96 8.57
N LEU B 297 -20.46 34.34 8.59
CA LEU B 297 -19.78 34.65 9.84
C LEU B 297 -19.83 36.12 10.23
N GLN B 298 -20.28 37.00 9.33
CA GLN B 298 -20.38 38.43 9.64
C GLN B 298 -19.01 39.00 10.05
N LEU B 299 -17.98 38.62 9.28
CA LEU B 299 -16.63 39.07 9.60
C LEU B 299 -16.51 40.58 9.56
N GLY B 300 -17.37 41.27 8.82
CA GLY B 300 -17.32 42.72 8.78
C GLY B 300 -17.61 43.37 10.12
N ASN B 301 -18.45 42.74 10.94
CA ASN B 301 -18.73 43.25 12.28
C ASN B 301 -17.46 43.45 13.10
N VAL B 302 -16.36 42.80 12.71
CA VAL B 302 -15.15 42.78 13.52
C VAL B 302 -13.89 43.14 12.75
N GLY B 303 -13.90 43.09 11.42
CA GLY B 303 -12.75 43.52 10.64
C GLY B 303 -11.75 42.44 10.32
N VAL B 304 -12.15 41.17 10.30
CA VAL B 304 -11.24 40.09 9.93
C VAL B 304 -10.95 40.20 8.44
N LYS B 305 -9.68 40.34 8.09
CA LYS B 305 -9.29 40.51 6.70
C LYS B 305 -9.25 39.18 5.97
N LEU B 306 -9.58 39.22 4.69
CA LEU B 306 -9.51 38.05 3.81
C LEU B 306 -8.38 38.22 2.82
N THR B 307 -7.99 37.10 2.22
CA THR B 307 -7.03 37.12 1.13
C THR B 307 -7.74 37.51 -0.16
N PRO B 308 -6.99 37.92 -1.19
CA PRO B 308 -7.63 38.25 -2.47
C PRO B 308 -8.62 37.21 -2.97
N LYS B 309 -8.36 35.92 -2.75
CA LYS B 309 -9.21 34.86 -3.28
C LYS B 309 -10.22 34.34 -2.25
N GLY B 310 -10.51 35.12 -1.21
CA GLY B 310 -11.64 34.87 -0.35
C GLY B 310 -11.34 34.16 0.96
N GLY B 311 -10.10 33.72 1.16
CA GLY B 311 -9.78 33.03 2.40
C GLY B 311 -9.51 33.99 3.54
N VAL B 312 -9.63 33.48 4.76
CA VAL B 312 -9.27 34.24 5.95
C VAL B 312 -7.75 34.31 6.03
N GLN B 313 -7.21 35.53 6.08
CA GLN B 313 -5.77 35.72 6.11
C GLN B 313 -5.26 35.42 7.52
N VAL B 314 -4.22 34.59 7.60
CA VAL B 314 -3.59 34.25 8.87
C VAL B 314 -2.07 34.28 8.68
N ASP B 315 -1.36 34.36 9.79
CA ASP B 315 0.08 34.20 9.78
C ASP B 315 0.40 32.73 10.07
N GLU B 316 1.69 32.40 10.03
CA GLU B 316 2.09 31.00 10.16
C GLU B 316 1.67 30.39 11.49
N PHE B 317 1.14 31.19 12.42
CA PHE B 317 0.59 30.67 13.67
C PHE B 317 -0.94 30.70 13.70
N SER B 318 -1.58 30.94 12.56
CA SER B 318 -3.03 30.87 12.42
C SER B 318 -3.76 32.05 13.06
N ARG B 319 -3.08 33.18 13.24
CA ARG B 319 -3.68 34.36 13.84
C ARG B 319 -4.20 35.31 12.77
N THR B 320 -5.41 35.81 12.96
CA THR B 320 -5.96 36.84 12.09
C THR B 320 -5.40 38.20 12.49
N ASN B 321 -5.76 39.23 11.73
CA ASN B 321 -5.34 40.59 12.06
C ASN B 321 -5.95 41.05 13.38
N VAL B 322 -7.06 40.47 13.80
CA VAL B 322 -7.71 40.82 15.05
C VAL B 322 -7.09 39.98 16.16
N PRO B 323 -6.54 40.56 17.22
CA PRO B 323 -5.96 39.75 18.30
C PRO B 323 -6.98 38.79 18.88
N ASN B 324 -6.49 37.59 19.21
CA ASN B 324 -7.27 36.53 19.87
C ASN B 324 -8.36 35.95 18.98
N ILE B 325 -8.32 36.21 17.67
CA ILE B 325 -9.19 35.53 16.71
C ILE B 325 -8.28 34.78 15.74
N TYR B 326 -8.51 33.47 15.64
CA TYR B 326 -7.67 32.58 14.85
C TYR B 326 -8.51 31.87 13.80
N ALA B 327 -7.85 31.21 12.87
CA ALA B 327 -8.52 30.54 11.76
C ALA B 327 -7.66 29.39 11.26
N ILE B 328 -8.26 28.20 11.15
CA ILE B 328 -7.56 27.01 10.71
C ILE B 328 -8.42 26.27 9.69
N GLY B 329 -7.78 25.36 8.96
CA GLY B 329 -8.51 24.47 8.09
C GLY B 329 -8.78 25.06 6.70
N ASP B 330 -9.84 24.57 6.08
CA ASP B 330 -10.16 24.96 4.71
C ASP B 330 -10.48 26.45 4.60
N ILE B 331 -11.00 27.06 5.66
CA ILE B 331 -11.37 28.47 5.59
C ILE B 331 -10.17 29.34 5.27
N THR B 332 -8.95 28.85 5.54
CA THR B 332 -7.75 29.59 5.20
C THR B 332 -7.33 29.41 3.75
N ASP B 333 -7.96 28.49 3.01
CA ASP B 333 -7.78 28.37 1.57
C ASP B 333 -6.33 28.06 1.20
N ARG B 334 -5.70 27.12 1.92
CA ARG B 334 -4.35 26.68 1.61
C ARG B 334 -4.44 25.22 1.21
N LEU B 335 -4.00 24.27 2.04
CA LEU B 335 -4.14 22.85 1.76
C LEU B 335 -5.45 22.37 2.39
N MET B 336 -6.46 22.10 1.55
CA MET B 336 -7.74 21.61 2.04
C MET B 336 -7.64 20.10 2.25
N LEU B 337 -6.94 19.74 3.32
CA LEU B 337 -6.75 18.36 3.73
C LEU B 337 -7.14 18.23 5.20
N THR B 338 -7.81 17.12 5.52
CA THR B 338 -8.22 16.88 6.90
C THR B 338 -7.02 16.83 7.85
N PRO B 339 -5.99 16.03 7.61
CA PRO B 339 -4.87 15.99 8.56
C PRO B 339 -4.16 17.31 8.74
N VAL B 340 -4.16 18.17 7.71
CA VAL B 340 -3.59 19.51 7.86
C VAL B 340 -4.41 20.32 8.86
N ALA B 341 -5.74 20.33 8.70
CA ALA B 341 -6.58 21.06 9.63
C ALA B 341 -6.42 20.54 11.05
N ILE B 342 -6.27 19.23 11.21
CA ILE B 342 -5.99 18.66 12.53
C ILE B 342 -4.67 19.22 13.06
N ASN B 343 -3.64 19.23 12.22
CA ASN B 343 -2.33 19.69 12.65
C ASN B 343 -2.37 21.18 13.00
N GLU B 344 -3.10 21.97 12.22
CA GLU B 344 -3.22 23.40 12.53
C GLU B 344 -4.02 23.62 13.80
N GLY B 345 -5.06 22.82 14.03
CA GLY B 345 -5.81 22.95 15.27
C GLY B 345 -4.96 22.63 16.49
N ALA B 346 -4.24 21.51 16.45
CA ALA B 346 -3.42 21.12 17.58
C ALA B 346 -2.28 22.11 17.81
N ALA B 347 -1.67 22.59 16.74
CA ALA B 347 -0.57 23.55 16.88
C ALA B 347 -1.05 24.86 17.50
N LEU B 348 -2.23 25.32 17.11
CA LEU B 348 -2.76 26.56 17.67
C LEU B 348 -2.93 26.45 19.18
N VAL B 349 -3.57 25.38 19.64
CA VAL B 349 -3.86 25.23 21.06
C VAL B 349 -2.56 25.11 21.86
N ASP B 350 -1.58 24.39 21.31
CA ASP B 350 -0.29 24.28 21.98
C ASP B 350 0.34 25.65 22.19
N THR B 351 0.23 26.52 21.19
CA THR B 351 0.84 27.85 21.27
C THR B 351 0.07 28.75 22.23
N VAL B 352 -1.26 28.71 22.18
CA VAL B 352 -2.07 29.65 22.94
C VAL B 352 -2.22 29.18 24.38
N PHE B 353 -2.59 27.92 24.58
CA PHE B 353 -2.88 27.40 25.91
C PHE B 353 -1.72 26.58 26.49
N GLY B 354 -0.54 26.65 25.88
CA GLY B 354 0.63 26.02 26.42
C GLY B 354 1.84 26.91 26.25
N ASN B 355 2.99 26.43 26.74
CA ASN B 355 4.25 27.13 26.54
C ASN B 355 5.10 26.38 25.53
N LYS B 356 4.52 26.09 24.37
CA LYS B 356 5.23 25.38 23.30
C LYS B 356 4.74 25.91 21.95
N PRO B 357 5.28 27.05 21.52
CA PRO B 357 4.91 27.58 20.20
C PRO B 357 5.17 26.54 19.11
N ARG B 358 4.15 26.31 18.28
CA ARG B 358 4.25 25.31 17.23
C ARG B 358 3.48 25.77 16.01
N LYS B 359 4.11 25.66 14.84
CA LYS B 359 3.52 26.00 13.56
C LYS B 359 3.59 24.79 12.65
N THR B 360 2.53 24.58 11.87
CA THR B 360 2.45 23.38 11.04
C THR B 360 3.23 23.59 9.75
N ASP B 361 4.02 22.59 9.38
CA ASP B 361 4.75 22.60 8.13
C ASP B 361 3.81 22.23 7.00
N HIS B 362 3.61 23.15 6.05
CA HIS B 362 2.72 22.92 4.93
C HIS B 362 3.46 22.40 3.69
N THR B 363 4.74 22.11 3.81
CA THR B 363 5.52 21.52 2.73
C THR B 363 5.65 20.02 2.93
N ARG B 364 5.80 19.30 1.82
CA ARG B 364 6.09 17.87 1.85
C ARG B 364 4.97 17.10 2.56
N VAL B 365 3.73 17.50 2.30
CA VAL B 365 2.57 16.82 2.85
C VAL B 365 2.09 15.79 1.85
N ALA B 366 1.96 14.54 2.31
CA ALA B 366 1.47 13.46 1.46
C ALA B 366 -0.05 13.48 1.40
N SER B 367 -0.59 13.46 0.18
CA SER B 367 -2.02 13.36 -0.03
C SER B 367 -2.29 12.20 -0.99
N ALA B 368 -3.57 11.96 -1.25
CA ALA B 368 -3.96 10.87 -2.13
C ALA B 368 -5.23 11.25 -2.88
N VAL B 369 -5.47 10.55 -3.99
CA VAL B 369 -6.71 10.62 -4.74
C VAL B 369 -7.23 9.21 -4.87
N PHE B 370 -8.42 8.95 -4.34
CA PHE B 370 -8.99 7.61 -4.38
C PHE B 370 -9.83 7.41 -5.63
N SER B 371 -9.19 7.71 -6.77
CA SER B 371 -9.69 7.35 -8.07
C SER B 371 -9.44 5.86 -8.34
N ILE B 372 -9.96 5.39 -9.45
CA ILE B 372 -9.74 4.02 -9.90
C ILE B 372 -9.04 4.10 -11.25
N PRO B 373 -7.70 4.02 -11.27
CA PRO B 373 -6.73 3.74 -10.19
C PRO B 373 -6.36 4.95 -9.32
N PRO B 374 -5.81 4.68 -8.13
CA PRO B 374 -5.54 5.76 -7.18
C PRO B 374 -4.20 6.45 -7.38
N ILE B 375 -4.09 7.64 -6.79
CA ILE B 375 -2.89 8.48 -6.86
C ILE B 375 -2.36 8.68 -5.45
N GLY B 376 -1.04 8.77 -5.35
CA GLY B 376 -0.38 9.15 -4.12
C GLY B 376 0.76 10.11 -4.42
N THR B 377 0.83 11.22 -3.70
CA THR B 377 1.81 12.26 -4.01
C THR B 377 2.30 12.92 -2.74
N CYS B 378 3.57 13.34 -2.77
CA CYS B 378 4.15 14.12 -1.70
C CYS B 378 5.30 14.93 -2.27
N GLY B 379 5.27 16.24 -2.06
CA GLY B 379 6.31 17.12 -2.53
C GLY B 379 5.96 17.79 -3.84
N LEU B 380 6.98 18.34 -4.47
CA LEU B 380 6.80 19.17 -5.65
C LEU B 380 6.70 18.32 -6.92
N ILE B 381 5.81 18.75 -7.83
CA ILE B 381 5.90 18.26 -9.20
C ILE B 381 7.08 18.93 -9.89
N GLU B 382 7.52 18.33 -11.00
CA GLU B 382 8.81 18.70 -11.58
C GLU B 382 8.80 20.13 -12.10
N GLU B 383 7.73 20.55 -12.78
CA GLU B 383 7.75 21.87 -13.40
C GLU B 383 7.80 22.98 -12.36
N VAL B 384 7.31 22.73 -11.15
CA VAL B 384 7.45 23.70 -10.07
C VAL B 384 8.89 23.70 -9.55
N ALA B 385 9.45 22.51 -9.33
CA ALA B 385 10.83 22.42 -8.88
C ALA B 385 11.79 23.05 -9.88
N ALA B 386 11.48 22.96 -11.17
CA ALA B 386 12.37 23.49 -12.20
C ALA B 386 12.50 25.01 -12.08
N LYS B 387 11.50 25.68 -11.52
CA LYS B 387 11.53 27.12 -11.34
C LYS B 387 12.10 27.51 -9.98
N GLU B 388 12.46 26.54 -9.15
CA GLU B 388 12.96 26.79 -7.81
C GLU B 388 14.35 26.21 -7.58
N PHE B 389 14.85 25.37 -8.48
CA PHE B 389 16.17 24.76 -8.33
C PHE B 389 16.87 24.78 -9.68
N GLU B 390 18.19 24.98 -9.65
CA GLU B 390 18.94 25.13 -10.89
C GLU B 390 18.99 23.81 -11.66
N LYS B 391 19.37 22.73 -11.01
CA LYS B 391 19.43 21.40 -11.61
C LYS B 391 18.39 20.50 -10.96
N VAL B 392 17.50 19.95 -11.77
CA VAL B 392 16.47 19.03 -11.31
C VAL B 392 16.56 17.75 -12.12
N ALA B 393 16.53 16.61 -11.43
CA ALA B 393 16.50 15.30 -12.06
C ALA B 393 15.13 14.66 -11.87
N VAL B 394 14.65 13.97 -12.90
CA VAL B 394 13.38 13.27 -12.86
C VAL B 394 13.65 11.79 -13.10
N TYR B 395 13.26 10.96 -12.13
CA TYR B 395 13.33 9.51 -12.27
C TYR B 395 11.92 9.00 -12.53
N MET B 396 11.75 8.24 -13.60
CA MET B 396 10.44 7.78 -14.04
C MET B 396 10.47 6.27 -14.27
N SER B 397 9.35 5.62 -14.00
CA SER B 397 9.26 4.18 -14.17
C SER B 397 7.79 3.79 -14.34
N SER B 398 7.48 3.12 -15.44
CA SER B 398 6.15 2.62 -15.70
C SER B 398 6.23 1.11 -15.89
N PHE B 399 5.21 0.39 -15.45
CA PHE B 399 5.23 -1.07 -15.55
C PHE B 399 3.83 -1.60 -15.28
N THR B 400 3.58 -2.82 -15.75
CA THR B 400 2.32 -3.51 -15.51
C THR B 400 2.50 -4.46 -14.34
N PRO B 401 1.81 -4.26 -13.22
CA PRO B 401 1.97 -5.18 -12.10
C PRO B 401 1.61 -6.61 -12.49
N LEU B 402 2.31 -7.57 -11.86
CA LEU B 402 2.16 -8.98 -12.16
C LEU B 402 0.72 -9.37 -12.45
N MET B 403 -0.18 -9.15 -11.49
CA MET B 403 -1.53 -9.70 -11.58
C MET B 403 -2.25 -9.22 -12.84
N HIS B 404 -2.00 -8.00 -13.27
CA HIS B 404 -2.71 -7.45 -14.43
C HIS B 404 -2.23 -8.01 -15.76
N ASN B 405 -1.21 -8.87 -15.75
CA ASN B 405 -0.93 -9.70 -16.91
C ASN B 405 -1.95 -10.82 -17.05
N ILE B 406 -2.63 -11.16 -15.94
CA ILE B 406 -3.62 -12.23 -15.93
C ILE B 406 -5.04 -11.70 -15.77
N SER B 407 -5.22 -10.53 -15.15
CA SER B 407 -6.54 -10.09 -14.71
C SER B 407 -7.46 -9.73 -15.86
N GLY B 408 -6.91 -9.41 -17.03
CA GLY B 408 -7.69 -8.83 -18.10
C GLY B 408 -7.74 -7.32 -18.09
N SER B 409 -6.98 -6.68 -17.22
CA SER B 409 -6.90 -5.21 -17.15
C SER B 409 -5.46 -4.80 -17.45
N LYS B 410 -5.02 -5.06 -18.68
CA LYS B 410 -3.65 -4.70 -19.07
C LYS B 410 -3.41 -3.19 -18.96
N TYR B 411 -4.46 -2.39 -19.09
CA TYR B 411 -4.30 -0.95 -19.09
C TYR B 411 -3.86 -0.39 -17.75
N LYS B 412 -3.91 -1.17 -16.68
CA LYS B 412 -3.61 -0.67 -15.33
C LYS B 412 -2.09 -0.62 -15.13
N LYS B 413 -1.49 0.38 -15.76
CA LYS B 413 -0.06 0.58 -15.66
C LYS B 413 0.27 1.40 -14.41
N PHE B 414 1.30 0.96 -13.69
CA PHE B 414 1.75 1.64 -12.49
C PHE B 414 2.86 2.62 -12.85
N VAL B 415 2.77 3.83 -12.29
CA VAL B 415 3.71 4.92 -12.59
C VAL B 415 4.35 5.37 -11.30
N ALA B 416 5.68 5.44 -11.29
CA ALA B 416 6.44 5.93 -10.15
C ALA B 416 7.43 6.99 -10.65
N LYS B 417 7.39 8.16 -10.02
CA LYS B 417 8.26 9.26 -10.42
C LYS B 417 8.86 9.91 -9.19
N ILE B 418 10.15 10.19 -9.25
CA ILE B 418 10.88 10.85 -8.17
C ILE B 418 11.54 12.10 -8.74
N VAL B 419 11.38 13.21 -8.04
CA VAL B 419 11.97 14.50 -8.42
C VAL B 419 12.98 14.88 -7.36
N THR B 420 14.19 15.21 -7.78
CA THR B 420 15.26 15.55 -6.85
C THR B 420 15.89 16.89 -7.24
N ASN B 421 16.49 17.53 -6.24
CA ASN B 421 17.48 18.57 -6.50
C ASN B 421 18.77 17.86 -6.88
N HIS B 422 19.14 17.94 -8.16
CA HIS B 422 20.25 17.14 -8.64
C HIS B 422 21.60 17.59 -8.09
N SER B 423 21.66 18.76 -7.45
CA SER B 423 22.93 19.22 -6.88
C SER B 423 23.40 18.27 -5.77
N ASP B 424 22.48 17.85 -4.91
CA ASP B 424 22.81 16.94 -3.81
C ASP B 424 21.86 15.75 -3.73
N GLY B 425 21.05 15.50 -4.76
CA GLY B 425 20.18 14.34 -4.77
C GLY B 425 19.04 14.37 -3.79
N THR B 426 18.76 15.52 -3.17
CA THR B 426 17.65 15.59 -2.22
C THR B 426 16.32 15.39 -2.95
N VAL B 427 15.49 14.51 -2.43
CA VAL B 427 14.22 14.18 -3.05
C VAL B 427 13.24 15.32 -2.77
N LEU B 428 12.70 15.91 -3.83
CA LEU B 428 11.76 17.02 -3.72
C LEU B 428 10.32 16.59 -3.89
N GLY B 429 10.07 15.50 -4.61
CA GLY B 429 8.71 15.05 -4.84
C GLY B 429 8.68 13.60 -5.27
N VAL B 430 7.62 12.91 -4.85
CA VAL B 430 7.36 11.53 -5.24
C VAL B 430 5.91 11.44 -5.67
N HIS B 431 5.66 10.82 -6.82
CA HIS B 431 4.34 10.78 -7.41
C HIS B 431 4.06 9.37 -7.92
N LEU B 432 2.95 8.79 -7.46
CA LEU B 432 2.62 7.40 -7.73
C LEU B 432 1.23 7.30 -8.32
N LEU B 433 1.08 6.40 -9.28
CA LEU B 433 -0.22 6.07 -9.87
C LEU B 433 -0.36 4.56 -9.93
N GLY B 434 -1.43 4.05 -9.34
CA GLY B 434 -1.71 2.63 -9.34
C GLY B 434 -2.20 2.19 -7.97
N ASP B 435 -2.82 1.02 -7.94
CA ASP B 435 -3.34 0.48 -6.70
C ASP B 435 -2.23 0.39 -5.65
N GLY B 436 -2.58 0.77 -4.41
CA GLY B 436 -1.64 0.80 -3.32
C GLY B 436 -0.98 2.15 -3.11
N ALA B 437 -1.00 3.04 -4.11
CA ALA B 437 -0.29 4.32 -4.01
C ALA B 437 -0.66 5.10 -2.76
N PRO B 438 -1.93 5.25 -2.38
CA PRO B 438 -2.23 6.00 -1.16
C PRO B 438 -1.56 5.45 0.09
N GLU B 439 -1.45 4.12 0.20
CA GLU B 439 -0.81 3.50 1.35
C GLU B 439 0.71 3.57 1.26
N ILE B 440 1.25 3.52 0.05
CA ILE B 440 2.70 3.58 -0.13
C ILE B 440 3.25 4.93 0.30
N ILE B 441 2.49 6.00 0.02
CA ILE B 441 3.05 7.35 0.10
C ILE B 441 3.16 7.86 1.52
N GLN B 442 2.43 7.27 2.48
CA GLN B 442 2.50 7.76 3.86
C GLN B 442 3.93 7.74 4.38
N ALA B 443 4.58 6.58 4.32
CA ALA B 443 5.95 6.49 4.81
C ALA B 443 6.92 7.28 3.96
N VAL B 444 6.56 7.57 2.70
CA VAL B 444 7.38 8.46 1.89
C VAL B 444 7.38 9.86 2.48
N GLY B 445 6.27 10.27 3.09
CA GLY B 445 6.24 11.56 3.75
C GLY B 445 7.23 11.65 4.88
N VAL B 446 7.35 10.59 5.66
CA VAL B 446 8.37 10.54 6.71
C VAL B 446 9.77 10.67 6.08
N CYS B 447 9.98 9.99 4.95
CA CYS B 447 11.29 10.05 4.29
C CYS B 447 11.68 11.48 3.95
N LEU B 448 10.69 12.31 3.55
CA LEU B 448 11.01 13.66 3.10
C LEU B 448 11.15 14.64 4.24
N ARG B 449 10.55 14.39 5.40
CA ARG B 449 10.88 15.17 6.58
C ARG B 449 12.35 15.00 6.93
N LEU B 450 12.86 13.78 6.79
CA LEU B 450 14.26 13.47 7.04
C LEU B 450 15.16 13.86 5.89
N ASN B 451 14.64 14.58 4.89
CA ASN B 451 15.45 15.08 3.79
C ASN B 451 16.19 13.94 3.09
N ALA B 452 15.48 12.84 2.86
CA ALA B 452 16.08 11.68 2.21
C ALA B 452 16.54 12.04 0.80
N LYS B 453 17.68 11.48 0.41
CA LYS B 453 18.22 11.64 -0.93
C LYS B 453 17.89 10.41 -1.77
N ILE B 454 17.99 10.58 -3.09
CA ILE B 454 17.68 9.49 -4.00
C ILE B 454 18.49 8.25 -3.65
N SER B 455 19.74 8.45 -3.21
CA SER B 455 20.58 7.32 -2.85
C SER B 455 20.01 6.57 -1.65
N ASP B 456 19.28 7.26 -0.78
CA ASP B 456 18.63 6.59 0.34
C ASP B 456 17.51 5.67 -0.11
N PHE B 457 16.95 5.91 -1.30
CA PHE B 457 15.87 5.07 -1.80
C PHE B 457 16.42 3.83 -2.50
N TYR B 458 17.33 4.02 -3.46
CA TYR B 458 17.78 2.88 -4.26
C TYR B 458 18.86 2.04 -3.55
N ASN B 459 19.38 2.50 -2.41
CA ASN B 459 20.22 1.66 -1.57
C ASN B 459 19.42 0.93 -0.50
N THR B 460 18.12 1.20 -0.39
CA THR B 460 17.25 0.39 0.46
C THR B 460 16.82 -0.85 -0.30
N ILE B 461 16.82 -1.98 0.39
CA ILE B 461 16.48 -3.25 -0.24
C ILE B 461 14.97 -3.34 -0.38
N GLY B 462 14.53 -3.87 -1.52
CA GLY B 462 13.11 -3.89 -1.83
C GLY B 462 12.36 -4.99 -1.12
N VAL B 463 11.05 -4.83 -1.08
CA VAL B 463 10.11 -5.87 -0.67
C VAL B 463 9.50 -6.43 -1.94
N HIS B 464 9.72 -7.71 -2.19
CA HIS B 464 9.33 -8.33 -3.45
C HIS B 464 8.29 -9.41 -3.20
N PRO B 465 7.25 -9.48 -4.06
CA PRO B 465 6.84 -8.58 -5.13
C PRO B 465 5.86 -7.50 -4.66
N THR B 466 6.23 -6.24 -4.83
CA THR B 466 5.33 -5.13 -4.55
C THR B 466 5.50 -4.08 -5.65
N SER B 467 4.48 -3.23 -5.79
CA SER B 467 4.63 -2.05 -6.63
C SER B 467 5.58 -1.05 -5.98
N ALA B 468 5.47 -0.88 -4.65
CA ALA B 468 6.33 0.07 -3.94
C ALA B 468 7.80 -0.26 -4.12
N GLU B 469 8.11 -1.54 -4.36
CA GLU B 469 9.47 -1.93 -4.69
C GLU B 469 10.10 -1.01 -5.73
N GLU B 470 9.29 -0.49 -6.66
CA GLU B 470 9.83 0.28 -7.77
C GLU B 470 10.54 1.55 -7.30
N LEU B 471 10.11 2.11 -6.17
CA LEU B 471 10.72 3.34 -5.69
C LEU B 471 12.18 3.15 -5.30
N CYS B 472 12.61 1.91 -5.06
CA CYS B 472 14.00 1.62 -4.73
C CYS B 472 14.76 1.02 -5.90
N SER B 473 14.18 1.03 -7.10
CA SER B 473 14.76 0.41 -8.28
C SER B 473 15.23 1.44 -9.31
N MET B 474 15.20 2.73 -8.97
CA MET B 474 15.50 3.80 -9.91
C MET B 474 16.78 4.49 -9.48
N ARG B 475 17.82 4.39 -10.31
CA ARG B 475 19.14 4.92 -9.99
C ARG B 475 19.65 5.94 -10.98
N THR B 476 19.07 6.03 -12.18
CA THR B 476 19.56 6.90 -13.22
C THR B 476 18.44 7.83 -13.67
N PRO B 477 18.67 9.14 -13.72
CA PRO B 477 17.60 10.05 -14.18
C PRO B 477 17.11 9.70 -15.58
N SER B 478 15.82 9.90 -15.81
CA SER B 478 15.25 9.77 -17.14
C SER B 478 15.40 11.05 -17.94
N TYR B 479 15.40 12.20 -17.28
CA TYR B 479 15.71 13.48 -17.90
C TYR B 479 15.94 14.49 -16.80
N TYR B 480 16.22 15.73 -17.19
CA TYR B 480 16.62 16.77 -16.26
C TYR B 480 15.88 18.06 -16.57
N TYR B 481 16.00 19.01 -15.66
CA TYR B 481 15.66 20.41 -15.89
C TYR B 481 16.83 21.25 -15.40
N VAL B 482 17.38 22.08 -16.27
CA VAL B 482 18.41 23.05 -15.89
C VAL B 482 17.91 24.44 -16.27
N LYS B 483 17.91 25.35 -15.31
CA LYS B 483 17.36 26.69 -15.52
C LYS B 483 16.00 26.61 -16.21
N GLY B 484 15.18 25.67 -15.75
CA GLY B 484 13.82 25.53 -16.23
C GLY B 484 13.66 24.86 -17.58
N GLU B 485 14.73 24.29 -18.14
CA GLU B 485 14.71 23.75 -19.50
C GLU B 485 14.78 22.23 -19.45
N LYS B 486 13.81 21.58 -20.11
CA LYS B 486 13.76 20.13 -20.15
C LYS B 486 14.74 19.59 -21.18
N MET B 487 15.53 18.59 -20.78
CA MET B 487 16.46 17.94 -21.68
C MET B 487 16.78 16.57 -21.13
N GLU B 488 17.08 15.62 -22.03
CA GLU B 488 17.32 14.26 -21.61
C GLU B 488 18.66 14.14 -20.88
N LYS B 489 19.74 14.58 -21.53
CA LYS B 489 21.07 14.44 -20.97
C LYS B 489 21.62 15.80 -20.58
N LEU B 490 22.47 15.81 -19.55
CA LEU B 490 23.05 17.05 -19.06
C LEU B 490 24.18 17.52 -19.99
N PRO B 491 24.45 18.82 -20.04
CA PRO B 491 25.57 19.35 -20.83
C PRO B 491 26.92 19.21 -20.12
#